data_2OTG
#
_entry.id   2OTG
#
_cell.length_a   87.087
_cell.length_b   51.689
_cell.length_c   159.900
_cell.angle_alpha   90.00
_cell.angle_beta   100.77
_cell.angle_gamma   90.00
#
_symmetry.space_group_name_H-M   'P 1 21 1'
#
loop_
_entity.id
_entity.type
_entity.pdbx_description
1 polymer 'Myosin heavy chain'
2 polymer 'Myosin regulatory light chain'
3 polymer 'Myosin essential light chain'
4 non-polymer 'MAGNESIUM ION'
5 non-polymer "ADENOSINE-5'-DIPHOSPHATE"
6 non-polymer 'CALCIUM ION'
#
loop_
_entity_poly.entity_id
_entity_poly.type
_entity_poly.pdbx_seq_one_letter_code
_entity_poly.pdbx_strand_id
1 'polypeptide(L)'
;MNIDFNDPDFQYLAVDRKKMMKEQTAPFDGKKNCWVPDPKEGFASAEIQSSKGEEITVKIVSDNSTRTVKKDDIQQMNPP
KFEKLEDMANMTYLNEASVLNNLRGRYTAGLIYTYSGLFCIAVNPYRRLPIYTDSVIAKYRGKRKTEIPPHLFSVADNAY
QNMVTDRENQSCLITGESGAGKTESTKKVIMYFARVAANLYKQKEEPVPNLRASNLEDQIIEANPVLEAFGNAKTVRNNN
SSRFGKFIRIHFGPTGKIAGADIETYLLEKSRVTYQQSAERNYHIFYQICSNAIPELNEVMLITPDSGLYSFINQGCLTV
DNIDDVEEFKLCDEAFDILGFTKEEKTSMFKCTASILHMGEMKFKQRPREEQAESDGTAEAEKVAFLCGINAGDLLKALL
KPKVKVGTEMVTKGQNLQQVINSVGALSKSLYDRMFNWLVKRVNRTLDTKAKRNYYIGVLDIAGFEIFDFNSFEQLCINY
TNERLQQFFNHHMFVLEQEEYKKEGIQWEFIDFGMDLQMCIDLIEKPMGILSILEEECMFPKADDKSFQDYSYQNHIGKN
RMFTKPGKPTRPNQGHAHFELHHYAGNVPYSIAGWLDKNKDPINENVVSLLAVSKEPLVAELFRAPDEPAGGAGGKKKKK
SSAFQTISAVHRESLNKLMCNLRRTNPHFVRCIIPNLEKDPGLVDAELVLHQLQCNGVLEGIRICRKGFPSRLIYSEFKQ
RYSILAPNAIPQGFVDGKTVSEKILTGLQMDPSEYRLGTTKVFFKAGVLGNLEEMRDERLSKIISMFQAHIRGYLIRKAY
KKLQDQRIGLSVIQRNIRKWLVLRNWQWWKLYAKVKPLLS
;
A
2 'polypeptide(L)'
;MADKAASGVLTKLPQKQIQEMKEAFTMIDQNRDGFIDINDLKEMFSSLGRTPDDKELTAMLKEAPGPLNFTMFLSIFSDK
LSGTDSEETIRNAFGMFDELDTKKLNIEYIKDLLENMGDNFNKDEMRMTFKEAPVEGGKFDYVRFVAMIKGSGDDDA
;
B
3 'polypeptide(L)'
;MPKLSQDEIDDLKEVFELFDFWDGRDGAVDAFKIGDVCRCLGINPRNEDVFAVGGTHKMGEKSLPFEEFLPAYEGLMDCE
QGTYADYMEAFKTFDREGQGFISGAELRHVLSGLGERLSDEEVDEIINLTDLQEDLEGNVKYEEFVKKVMTGPYPDK
;
C
#
# COMPACT_ATOMS: atom_id res chain seq x y z
N ASN A 6 17.31 -14.12 11.87
CA ASN A 6 17.42 -13.69 13.32
C ASN A 6 18.67 -12.81 13.62
N ASP A 7 19.52 -12.65 12.60
CA ASP A 7 20.77 -11.88 12.64
C ASP A 7 20.72 -10.34 12.73
N PRO A 8 21.89 -9.73 13.05
CA PRO A 8 22.05 -8.27 13.16
C PRO A 8 22.37 -7.85 11.73
N ASP A 9 22.81 -8.84 10.93
CA ASP A 9 23.13 -8.62 9.51
C ASP A 9 21.82 -8.34 8.76
N PHE A 10 20.70 -8.54 9.45
CA PHE A 10 19.42 -8.29 8.83
C PHE A 10 18.65 -7.16 9.57
N GLN A 11 19.40 -6.35 10.32
CA GLN A 11 18.81 -5.24 11.08
C GLN A 11 18.21 -4.18 10.17
N TYR A 12 18.97 -3.72 9.17
CA TYR A 12 18.46 -2.70 8.27
C TYR A 12 18.12 -3.30 6.90
N LEU A 13 17.67 -4.55 6.88
CA LEU A 13 17.37 -5.19 5.62
C LEU A 13 15.94 -5.72 5.46
N ALA A 14 15.43 -6.35 6.53
CA ALA A 14 14.08 -6.91 6.53
C ALA A 14 13.42 -6.44 7.81
N VAL A 15 12.17 -5.97 7.76
CA VAL A 15 11.54 -5.55 9.01
C VAL A 15 10.96 -6.81 9.66
N ASP A 16 10.01 -6.65 10.57
CA ASP A 16 9.44 -7.81 11.26
C ASP A 16 8.10 -8.34 10.70
N ARG A 17 8.13 -9.60 10.25
CA ARG A 17 6.98 -10.32 9.70
C ARG A 17 5.84 -10.46 10.71
N LYS A 18 6.24 -10.67 11.97
CA LYS A 18 5.33 -10.86 13.10
C LYS A 18 4.90 -9.52 13.70
N LYS A 19 5.85 -8.60 13.87
CA LYS A 19 5.56 -7.28 14.44
C LYS A 19 4.70 -6.47 13.45
N MET A 20 4.93 -6.68 12.15
CA MET A 20 4.16 -6.01 11.11
C MET A 20 2.78 -6.64 11.14
N MET A 21 2.70 -7.87 11.63
CA MET A 21 1.43 -8.57 11.74
C MET A 21 0.71 -8.06 12.98
N LYS A 22 1.46 -7.34 13.83
CA LYS A 22 0.92 -6.75 15.05
C LYS A 22 0.52 -5.31 14.76
N GLU A 23 0.31 -5.03 13.47
CA GLU A 23 -0.13 -3.71 13.02
C GLU A 23 -1.64 -3.84 13.15
N GLN A 24 -2.05 -4.48 14.24
CA GLN A 24 -3.45 -4.74 14.53
C GLN A 24 -4.34 -3.60 15.03
N THR A 25 -4.01 -2.35 14.72
CA THR A 25 -4.86 -1.27 15.17
C THR A 25 -6.07 -1.20 14.24
N ALA A 26 -6.13 -0.16 13.41
CA ALA A 26 -7.24 0.06 12.50
C ALA A 26 -7.36 -1.01 11.41
N PRO A 27 -8.61 -1.44 11.14
CA PRO A 27 -8.86 -2.46 10.12
C PRO A 27 -8.80 -1.79 8.74
N PHE A 28 -9.38 -2.44 7.73
CA PHE A 28 -9.29 -1.85 6.42
C PHE A 28 -10.49 -2.13 5.54
N ASP A 29 -11.08 -1.04 5.01
CA ASP A 29 -12.22 -1.19 4.12
C ASP A 29 -11.75 -0.66 2.75
N GLY A 30 -11.62 -1.56 1.78
CA GLY A 30 -11.18 -1.12 0.47
C GLY A 30 -12.19 -0.14 -0.09
N LYS A 31 -13.36 -0.10 0.55
CA LYS A 31 -14.44 0.76 0.13
C LYS A 31 -14.35 2.18 0.69
N LYS A 32 -13.77 2.32 1.88
CA LYS A 32 -13.66 3.62 2.55
C LYS A 32 -12.27 4.30 2.61
N ASN A 33 -11.20 3.52 2.64
CA ASN A 33 -9.83 4.07 2.72
C ASN A 33 -9.20 4.36 1.36
N CYS A 34 -8.52 5.49 1.22
CA CYS A 34 -7.89 5.83 -0.06
C CYS A 34 -6.84 6.95 0.07
N TRP A 35 -6.34 7.44 -1.07
CA TRP A 35 -5.35 8.51 -1.06
C TRP A 35 -5.96 9.74 -1.69
N VAL A 36 -5.49 10.91 -1.24
CA VAL A 36 -6.01 12.17 -1.72
C VAL A 36 -4.92 13.22 -1.83
N PRO A 37 -5.03 14.11 -2.83
CA PRO A 37 -4.09 15.20 -3.11
C PRO A 37 -3.85 16.13 -1.93
N ASP A 38 -2.58 16.30 -1.56
CA ASP A 38 -2.24 17.16 -0.44
C ASP A 38 -1.02 18.03 -0.75
N PRO A 39 -1.13 19.33 -0.48
CA PRO A 39 -0.04 20.27 -0.74
C PRO A 39 1.22 20.03 0.12
N LYS A 40 1.00 19.58 1.35
CA LYS A 40 2.10 19.32 2.29
C LYS A 40 2.70 17.90 2.24
N GLU A 41 1.85 16.88 2.14
CA GLU A 41 2.34 15.51 2.12
C GLU A 41 2.15 14.75 0.81
N GLY A 42 1.98 15.47 -0.29
CA GLY A 42 1.82 14.79 -1.57
C GLY A 42 0.45 14.14 -1.68
N PHE A 43 0.13 13.34 -0.68
CA PHE A 43 -1.17 12.67 -0.64
C PHE A 43 -1.65 12.65 0.80
N ALA A 44 -2.81 12.06 1.04
CA ALA A 44 -3.33 12.01 2.40
C ALA A 44 -4.33 10.90 2.61
N SER A 45 -4.00 9.98 3.51
CA SER A 45 -4.90 8.88 3.83
C SER A 45 -6.22 9.51 4.14
N ALA A 46 -7.31 8.80 3.86
CA ALA A 46 -8.62 9.36 4.11
C ALA A 46 -9.73 8.31 4.05
N GLU A 47 -10.87 8.70 4.60
CA GLU A 47 -12.08 7.89 4.66
C GLU A 47 -13.17 8.57 3.83
N ILE A 48 -13.76 7.83 2.91
CA ILE A 48 -14.82 8.42 2.10
C ILE A 48 -16.04 8.52 3.01
N GLN A 49 -16.82 9.61 2.90
CA GLN A 49 -18.01 9.80 3.71
C GLN A 49 -19.29 9.81 2.82
N SER A 50 -19.43 10.81 1.95
CA SER A 50 -20.60 10.91 1.08
C SER A 50 -20.24 11.21 -0.37
N SER A 51 -21.22 11.05 -1.27
CA SER A 51 -20.97 11.28 -2.68
C SER A 51 -22.12 11.99 -3.36
N LYS A 52 -21.77 12.85 -4.31
CA LYS A 52 -22.74 13.61 -5.10
C LYS A 52 -22.19 13.77 -6.51
N GLY A 53 -22.18 12.68 -7.27
CA GLY A 53 -21.70 12.72 -8.64
C GLY A 53 -20.19 12.66 -8.80
N GLU A 54 -19.57 13.83 -8.88
CA GLU A 54 -18.11 13.94 -8.98
C GLU A 54 -17.54 14.76 -7.83
N GLU A 55 -18.29 14.71 -6.70
CA GLU A 55 -17.91 15.42 -5.48
C GLU A 55 -17.83 14.48 -4.29
N ILE A 56 -16.63 13.96 -4.06
CA ILE A 56 -16.39 13.06 -2.96
C ILE A 56 -15.89 13.84 -1.75
N THR A 57 -16.57 13.64 -0.63
CA THR A 57 -16.21 14.31 0.61
C THR A 57 -15.50 13.28 1.47
N VAL A 58 -14.41 13.68 2.12
CA VAL A 58 -13.67 12.76 2.97
C VAL A 58 -13.22 13.38 4.31
N LYS A 59 -12.64 12.56 5.16
CA LYS A 59 -12.14 13.02 6.44
C LYS A 59 -10.74 12.45 6.53
N ILE A 60 -9.79 13.30 6.92
CA ILE A 60 -8.39 12.91 7.03
C ILE A 60 -8.05 12.23 8.37
N VAL A 61 -7.59 10.99 8.30
CA VAL A 61 -7.27 10.26 9.52
C VAL A 61 -6.46 11.06 10.50
N SER A 62 -5.54 11.88 10.00
CA SER A 62 -4.66 12.68 10.87
C SER A 62 -5.33 13.82 11.63
N ASP A 63 -5.85 14.82 10.92
CA ASP A 63 -6.48 15.97 11.59
C ASP A 63 -8.02 15.88 11.66
N ASN A 64 -8.54 14.72 11.29
CA ASN A 64 -9.98 14.49 11.30
C ASN A 64 -10.82 15.63 10.76
N SER A 65 -10.30 16.35 9.76
CA SER A 65 -11.04 17.46 9.17
C SER A 65 -11.83 16.98 7.95
N THR A 66 -12.39 17.93 7.21
CA THR A 66 -13.17 17.59 6.02
C THR A 66 -12.77 18.40 4.79
N ARG A 67 -12.67 17.73 3.64
CA ARG A 67 -12.34 18.38 2.36
C ARG A 67 -13.07 17.68 1.20
N THR A 68 -13.19 18.40 0.07
CA THR A 68 -13.85 17.87 -1.12
C THR A 68 -12.87 17.64 -2.25
N VAL A 69 -13.00 16.48 -2.90
CA VAL A 69 -12.10 16.12 -4.00
C VAL A 69 -12.85 15.36 -5.09
N LYS A 70 -12.54 15.65 -6.35
CA LYS A 70 -13.21 14.95 -7.45
C LYS A 70 -12.87 13.49 -7.45
N LYS A 71 -13.79 12.69 -7.96
CA LYS A 71 -13.61 11.24 -7.98
C LYS A 71 -12.44 10.76 -8.85
N ASP A 72 -11.91 11.65 -9.70
CA ASP A 72 -10.84 11.27 -10.60
C ASP A 72 -9.47 11.49 -10.02
N ASP A 73 -9.37 12.34 -8.99
CA ASP A 73 -8.08 12.62 -8.36
C ASP A 73 -7.75 11.67 -7.21
N ILE A 74 -8.74 10.87 -6.79
CA ILE A 74 -8.59 9.91 -5.70
C ILE A 74 -7.87 8.69 -6.23
N GLN A 75 -6.93 8.17 -5.44
CA GLN A 75 -6.18 6.99 -5.83
C GLN A 75 -6.34 5.85 -4.87
N GLN A 76 -6.34 4.65 -5.43
CA GLN A 76 -6.52 3.45 -4.66
C GLN A 76 -5.53 3.18 -3.52
N MET A 77 -6.04 2.64 -2.41
CA MET A 77 -5.18 2.33 -1.27
C MET A 77 -4.99 0.84 -1.08
N ASN A 78 -3.80 0.47 -0.65
CA ASN A 78 -3.41 -0.93 -0.43
C ASN A 78 -3.75 -1.41 0.96
N PRO A 79 -4.21 -2.67 1.08
CA PRO A 79 -4.56 -3.26 2.38
C PRO A 79 -3.33 -3.33 3.22
N PRO A 80 -3.51 -3.52 4.53
CA PRO A 80 -2.38 -3.60 5.46
C PRO A 80 -1.34 -4.68 5.18
N LYS A 81 -1.76 -5.87 4.76
CA LYS A 81 -0.78 -6.94 4.52
C LYS A 81 0.33 -6.58 3.52
N PHE A 82 0.22 -5.43 2.85
CA PHE A 82 1.19 -4.97 1.85
C PHE A 82 2.20 -3.89 2.35
N GLU A 83 2.24 -3.66 3.66
CA GLU A 83 3.13 -2.66 4.21
C GLU A 83 4.57 -3.11 4.07
N LYS A 84 5.42 -2.14 3.77
CA LYS A 84 6.86 -2.37 3.60
C LYS A 84 7.09 -3.55 2.66
N LEU A 85 6.46 -3.51 1.49
CA LEU A 85 6.58 -4.60 0.53
C LEU A 85 7.94 -4.61 -0.09
N GLU A 86 8.51 -5.79 -0.28
CA GLU A 86 9.84 -5.88 -0.86
C GLU A 86 9.91 -5.60 -2.36
N ASP A 87 8.89 -6.03 -3.12
CA ASP A 87 8.86 -5.72 -4.56
C ASP A 87 7.53 -5.07 -4.90
N MET A 88 7.54 -3.76 -5.06
CA MET A 88 6.33 -3.00 -5.35
C MET A 88 5.61 -3.39 -6.62
N ALA A 89 6.15 -4.39 -7.32
CA ALA A 89 5.54 -4.84 -8.56
C ALA A 89 4.48 -5.88 -8.21
N ASN A 90 4.41 -6.24 -6.93
CA ASN A 90 3.45 -7.22 -6.44
C ASN A 90 2.21 -6.58 -5.83
N MET A 91 2.26 -5.28 -5.62
CA MET A 91 1.12 -4.58 -5.01
C MET A 91 -0.16 -4.64 -5.84
N THR A 92 -1.25 -4.96 -5.17
CA THR A 92 -2.57 -5.03 -5.77
C THR A 92 -2.78 -3.73 -6.57
N TYR A 93 -2.70 -2.59 -5.89
CA TYR A 93 -2.83 -1.28 -6.53
C TYR A 93 -1.41 -0.71 -6.59
N LEU A 94 -0.97 -0.40 -7.81
CA LEU A 94 0.37 0.10 -8.06
C LEU A 94 0.33 1.51 -8.58
N ASN A 95 0.29 2.49 -7.70
CA ASN A 95 0.23 3.85 -8.18
C ASN A 95 1.14 4.90 -7.50
N GLU A 96 0.98 6.13 -7.93
CA GLU A 96 1.76 7.23 -7.39
C GLU A 96 1.75 7.25 -5.87
N ALA A 97 0.55 7.34 -5.32
CA ALA A 97 0.39 7.40 -3.89
C ALA A 97 0.82 6.16 -3.17
N SER A 98 0.74 5.01 -3.85
CA SER A 98 1.12 3.74 -3.22
C SER A 98 2.62 3.46 -3.29
N VAL A 99 3.30 4.08 -4.26
CA VAL A 99 4.74 3.90 -4.39
C VAL A 99 5.40 4.87 -3.42
N LEU A 100 4.88 6.09 -3.37
CA LEU A 100 5.39 7.12 -2.48
C LEU A 100 5.34 6.61 -1.05
N ASN A 101 4.19 6.11 -0.67
CA ASN A 101 3.92 5.61 0.66
C ASN A 101 4.77 4.41 1.12
N ASN A 102 4.90 3.40 0.26
CA ASN A 102 5.68 2.23 0.60
C ASN A 102 7.16 2.54 0.76
N LEU A 103 7.67 3.47 -0.05
CA LEU A 103 9.08 3.88 0.02
C LEU A 103 9.30 4.64 1.32
N ARG A 104 8.48 5.66 1.51
CA ARG A 104 8.53 6.49 2.71
C ARG A 104 8.44 5.49 3.86
N GLY A 105 7.50 4.55 3.75
CA GLY A 105 7.33 3.53 4.76
C GLY A 105 8.63 2.84 5.10
N ARG A 106 9.20 2.06 4.19
CA ARG A 106 10.45 1.37 4.48
C ARG A 106 11.57 2.30 4.93
N TYR A 107 11.64 3.49 4.34
CA TYR A 107 12.67 4.43 4.71
C TYR A 107 12.60 4.82 6.17
N THR A 108 11.45 5.35 6.62
CA THR A 108 11.33 5.77 8.02
C THR A 108 11.56 4.59 8.96
N ALA A 109 11.83 3.42 8.38
CA ALA A 109 12.09 2.22 9.15
C ALA A 109 13.50 1.69 8.96
N GLY A 110 14.37 2.52 8.39
CA GLY A 110 15.76 2.14 8.17
C GLY A 110 16.14 1.51 6.84
N LEU A 111 15.21 0.83 6.19
CA LEU A 111 15.49 0.17 4.91
C LEU A 111 15.61 1.16 3.75
N ILE A 112 16.73 1.12 3.05
CA ILE A 112 16.94 2.05 1.95
C ILE A 112 16.85 1.38 0.58
N TYR A 113 16.69 0.06 0.57
CA TYR A 113 16.59 -0.65 -0.68
C TYR A 113 15.21 -1.25 -0.95
N THR A 114 14.62 -0.83 -2.06
CA THR A 114 13.30 -1.29 -2.47
C THR A 114 13.22 -1.61 -3.98
N TYR A 115 12.62 -2.75 -4.32
CA TYR A 115 12.45 -3.16 -5.72
C TYR A 115 11.13 -2.57 -6.26
N SER A 116 10.98 -2.61 -7.59
CA SER A 116 9.80 -2.11 -8.28
C SER A 116 9.91 -2.55 -9.74
N GLY A 117 9.91 -3.85 -9.95
CA GLY A 117 10.03 -4.37 -11.30
C GLY A 117 11.48 -4.70 -11.51
N LEU A 118 12.11 -4.04 -12.49
CA LEU A 118 13.51 -4.25 -12.80
C LEU A 118 14.31 -3.27 -11.96
N PHE A 119 13.63 -2.19 -11.58
CA PHE A 119 14.20 -1.12 -10.79
C PHE A 119 14.61 -1.44 -9.38
N CYS A 120 15.74 -0.89 -8.97
CA CYS A 120 16.22 -1.02 -7.61
C CYS A 120 16.35 0.42 -7.12
N ILE A 121 15.40 0.81 -6.27
CA ILE A 121 15.37 2.15 -5.73
C ILE A 121 16.26 2.24 -4.52
N ALA A 122 17.03 3.31 -4.47
CA ALA A 122 17.95 3.55 -3.37
C ALA A 122 17.75 4.96 -2.86
N VAL A 123 17.30 5.07 -1.60
CA VAL A 123 17.11 6.39 -0.98
C VAL A 123 18.28 6.69 -0.07
N ASN A 124 18.82 7.89 -0.24
CA ASN A 124 19.95 8.39 0.53
C ASN A 124 19.68 8.35 2.04
N PRO A 125 20.39 7.48 2.79
CA PRO A 125 20.20 7.37 4.24
C PRO A 125 20.72 8.58 5.01
N TYR A 126 21.76 9.22 4.46
CA TYR A 126 22.41 10.39 5.07
C TYR A 126 22.98 9.95 6.41
N ARG A 127 23.57 8.75 6.43
CA ARG A 127 24.17 8.16 7.61
C ARG A 127 24.69 6.76 7.30
N ARG A 128 25.98 6.52 7.52
CA ARG A 128 26.58 5.22 7.24
C ARG A 128 25.78 4.09 7.89
N LEU A 129 25.67 2.93 7.22
CA LEU A 129 24.93 1.80 7.79
C LEU A 129 25.69 0.47 7.69
N PRO A 130 25.48 -0.43 8.67
CA PRO A 130 26.11 -1.75 8.77
C PRO A 130 25.78 -2.74 7.65
N ILE A 131 25.10 -2.27 6.61
CA ILE A 131 24.69 -3.13 5.49
C ILE A 131 25.76 -3.69 4.56
N TYR A 132 26.83 -2.93 4.32
CA TYR A 132 27.86 -3.38 3.40
C TYR A 132 29.10 -4.10 3.98
N THR A 133 28.92 -4.88 5.04
CA THR A 133 30.05 -5.58 5.65
C THR A 133 30.34 -6.90 4.96
N ASP A 134 31.57 -7.39 5.16
CA ASP A 134 32.01 -8.65 4.57
C ASP A 134 31.13 -9.84 4.97
N SER A 135 30.52 -9.73 6.15
CA SER A 135 29.65 -10.78 6.68
C SER A 135 28.38 -10.78 5.86
N VAL A 136 27.89 -9.58 5.57
CA VAL A 136 26.67 -9.43 4.79
C VAL A 136 26.89 -9.99 3.39
N ILE A 137 27.97 -9.56 2.77
CA ILE A 137 28.29 -10.02 1.42
C ILE A 137 28.14 -11.55 1.28
N ALA A 138 28.70 -12.26 2.26
CA ALA A 138 28.70 -13.74 2.30
C ALA A 138 27.29 -14.30 2.16
N LYS A 139 26.31 -13.54 2.65
CA LYS A 139 24.93 -13.95 2.60
C LYS A 139 24.25 -13.75 1.25
N TYR A 140 24.62 -12.69 0.53
CA TYR A 140 24.01 -12.42 -0.76
C TYR A 140 24.61 -13.21 -1.90
N ARG A 141 25.76 -13.83 -1.66
CA ARG A 141 26.47 -14.62 -2.66
C ARG A 141 25.57 -15.69 -3.26
N GLY A 142 25.47 -15.73 -4.59
CA GLY A 142 24.64 -16.72 -5.28
C GLY A 142 23.16 -16.88 -4.87
N LYS A 143 22.55 -15.83 -4.33
CA LYS A 143 21.16 -15.89 -3.94
C LYS A 143 20.35 -15.07 -4.93
N ARG A 144 19.34 -15.67 -5.55
CA ARG A 144 18.46 -14.94 -6.46
C ARG A 144 17.90 -13.69 -5.74
N LYS A 145 17.38 -12.71 -6.49
CA LYS A 145 16.83 -11.47 -5.92
C LYS A 145 15.68 -11.69 -4.95
N THR A 146 14.78 -12.57 -5.33
CA THR A 146 13.58 -12.90 -4.55
C THR A 146 13.83 -13.61 -3.24
N GLU A 147 14.93 -14.32 -3.13
CA GLU A 147 15.21 -15.03 -1.90
C GLU A 147 16.17 -14.31 -0.97
N ILE A 148 15.87 -13.05 -0.68
CA ILE A 148 16.72 -12.25 0.21
C ILE A 148 16.26 -10.78 0.16
N PRO A 149 16.43 -10.02 1.25
CA PRO A 149 16.04 -8.61 1.35
C PRO A 149 16.60 -7.70 0.27
N PRO A 150 15.77 -6.84 -0.32
CA PRO A 150 16.25 -5.94 -1.37
C PRO A 150 17.63 -5.39 -1.01
N HIS A 151 18.57 -5.49 -1.93
CA HIS A 151 19.91 -4.99 -1.68
C HIS A 151 20.68 -4.74 -2.97
N LEU A 152 21.40 -3.62 -3.01
CA LEU A 152 22.18 -3.27 -4.18
C LEU A 152 23.18 -4.39 -4.44
N PHE A 153 23.70 -5.01 -3.38
CA PHE A 153 24.63 -6.12 -3.54
C PHE A 153 24.00 -7.22 -4.40
N SER A 154 22.67 -7.33 -4.35
CA SER A 154 21.93 -8.35 -5.09
C SER A 154 21.84 -8.02 -6.59
N VAL A 155 21.76 -6.72 -6.91
CA VAL A 155 21.69 -6.28 -8.31
C VAL A 155 23.03 -6.64 -8.95
N ALA A 156 24.10 -6.27 -8.25
CA ALA A 156 25.44 -6.53 -8.76
C ALA A 156 25.73 -8.02 -8.88
N ASP A 157 25.44 -8.77 -7.81
CA ASP A 157 25.74 -10.20 -7.81
C ASP A 157 25.06 -10.94 -8.95
N ASN A 158 23.81 -10.58 -9.22
CA ASN A 158 23.02 -11.20 -10.29
C ASN A 158 23.51 -10.79 -11.65
N ALA A 159 24.18 -9.66 -11.72
CA ALA A 159 24.70 -9.20 -12.99
C ALA A 159 25.85 -10.14 -13.29
N TYR A 160 26.52 -10.55 -12.20
CA TYR A 160 27.68 -11.45 -12.23
C TYR A 160 27.32 -12.88 -12.60
N GLN A 161 26.42 -13.48 -11.83
CA GLN A 161 26.01 -14.86 -12.08
C GLN A 161 25.42 -14.91 -13.47
N ASN A 162 24.86 -13.79 -13.91
CA ASN A 162 24.29 -13.72 -15.24
C ASN A 162 25.45 -13.68 -16.26
N MET A 163 26.54 -13.00 -15.92
CA MET A 163 27.66 -12.91 -16.84
C MET A 163 28.29 -14.26 -17.14
N VAL A 164 28.61 -15.01 -16.09
CA VAL A 164 29.20 -16.34 -16.27
C VAL A 164 28.25 -17.19 -17.11
N THR A 165 27.29 -17.77 -16.40
CA THR A 165 26.24 -18.62 -16.94
C THR A 165 25.78 -18.28 -18.34
N ASP A 166 25.18 -17.10 -18.48
CA ASP A 166 24.64 -16.65 -19.76
C ASP A 166 25.69 -16.30 -20.84
N ARG A 167 26.95 -16.06 -20.45
CA ARG A 167 28.02 -15.72 -21.40
C ARG A 167 27.67 -14.45 -22.19
N GLU A 168 27.30 -13.39 -21.48
CA GLU A 168 26.92 -12.16 -22.14
C GLU A 168 27.33 -10.91 -21.37
N ASN A 169 27.43 -9.80 -22.08
CA ASN A 169 27.79 -8.56 -21.44
C ASN A 169 26.65 -8.02 -20.60
N GLN A 170 26.99 -7.52 -19.41
CA GLN A 170 26.02 -6.94 -18.50
C GLN A 170 26.25 -5.42 -18.44
N SER A 171 25.28 -4.68 -17.92
CA SER A 171 25.41 -3.24 -17.79
C SER A 171 24.48 -2.85 -16.65
N CYS A 172 24.94 -1.93 -15.82
CA CYS A 172 24.17 -1.48 -14.66
C CYS A 172 24.05 0.03 -14.69
N LEU A 173 22.91 0.53 -15.13
CA LEU A 173 22.71 1.96 -15.22
C LEU A 173 22.26 2.55 -13.90
N ILE A 174 22.83 3.70 -13.53
CA ILE A 174 22.46 4.34 -12.27
C ILE A 174 22.18 5.81 -12.53
N THR A 175 20.99 6.27 -12.17
CA THR A 175 20.62 7.67 -12.39
C THR A 175 19.89 8.35 -11.21
N GLY A 176 19.41 9.58 -11.44
CA GLY A 176 18.72 10.30 -10.39
C GLY A 176 19.19 11.74 -10.38
N GLU A 177 18.70 12.55 -9.46
CA GLU A 177 19.09 13.96 -9.35
C GLU A 177 20.49 14.14 -8.75
N SER A 178 20.82 15.35 -8.30
CA SER A 178 22.13 15.59 -7.69
C SER A 178 22.02 15.39 -6.17
N GLY A 179 22.99 14.64 -5.61
CA GLY A 179 22.97 14.35 -4.20
C GLY A 179 22.06 13.18 -3.88
N ALA A 180 21.61 12.47 -4.92
CA ALA A 180 20.76 11.31 -4.73
C ALA A 180 21.59 10.15 -4.21
N GLY A 181 22.87 10.20 -4.59
CA GLY A 181 23.82 9.20 -4.14
C GLY A 181 24.20 8.15 -5.15
N LYS A 182 24.26 8.53 -6.42
CA LYS A 182 24.61 7.55 -7.41
C LYS A 182 26.10 7.31 -7.46
N THR A 183 26.88 8.34 -7.17
CA THR A 183 28.31 8.17 -7.18
C THR A 183 28.77 7.13 -6.15
N GLU A 184 28.26 7.25 -4.93
CA GLU A 184 28.62 6.36 -3.87
C GLU A 184 28.04 4.96 -4.00
N SER A 185 27.01 4.79 -4.83
CA SER A 185 26.43 3.48 -5.01
C SER A 185 27.36 2.75 -5.98
N THR A 186 27.82 3.49 -7.01
CA THR A 186 28.73 2.96 -8.04
C THR A 186 29.94 2.32 -7.38
N LYS A 187 30.52 3.06 -6.45
CA LYS A 187 31.66 2.58 -5.74
C LYS A 187 31.31 1.24 -5.11
N LYS A 188 30.13 1.16 -4.50
CA LYS A 188 29.69 -0.07 -3.84
C LYS A 188 29.54 -1.31 -4.77
N VAL A 189 29.15 -1.08 -6.01
CA VAL A 189 28.96 -2.17 -6.98
C VAL A 189 30.31 -2.75 -7.39
N ILE A 190 31.31 -1.87 -7.38
CA ILE A 190 32.69 -2.19 -7.74
C ILE A 190 33.38 -2.92 -6.58
N MET A 191 33.20 -2.39 -5.38
CA MET A 191 33.80 -2.99 -4.19
C MET A 191 33.27 -4.42 -4.02
N TYR A 192 32.02 -4.66 -4.44
CA TYR A 192 31.41 -5.97 -4.31
C TYR A 192 32.04 -7.03 -5.23
N PHE A 193 32.41 -6.65 -6.44
CA PHE A 193 33.02 -7.59 -7.35
C PHE A 193 34.42 -7.90 -6.94
N ALA A 194 35.13 -6.85 -6.55
CA ALA A 194 36.51 -6.98 -6.12
C ALA A 194 36.55 -8.06 -5.03
N ARG A 195 35.51 -8.07 -4.20
CA ARG A 195 35.44 -9.02 -3.11
C ARG A 195 34.82 -10.38 -3.45
N VAL A 196 34.44 -10.62 -4.70
CA VAL A 196 33.83 -11.90 -5.06
C VAL A 196 34.52 -12.60 -6.25
N ALA A 197 35.30 -11.83 -7.01
CA ALA A 197 36.01 -12.33 -8.18
C ALA A 197 37.42 -11.74 -8.20
N ALA A 198 38.10 -11.86 -7.07
CA ALA A 198 39.47 -11.35 -6.91
C ALA A 198 40.47 -12.45 -7.31
N ASN A 199 41.26 -12.18 -8.36
CA ASN A 199 42.26 -13.12 -8.92
C ASN A 199 42.93 -14.11 -7.96
N LEU A 200 43.53 -13.57 -6.88
CA LEU A 200 44.26 -14.32 -5.82
C LEU A 200 45.75 -14.55 -6.16
N SER A 214 50.59 -1.64 -7.16
CA SER A 214 49.82 -2.64 -6.43
C SER A 214 48.74 -3.21 -7.35
N ASN A 215 47.97 -4.17 -6.84
CA ASN A 215 46.92 -4.83 -7.64
C ASN A 215 46.00 -3.87 -8.34
N LEU A 216 45.26 -4.43 -9.30
CA LEU A 216 44.30 -3.68 -10.10
C LEU A 216 43.12 -3.23 -9.26
N GLU A 217 42.56 -4.17 -8.51
CA GLU A 217 41.43 -3.87 -7.68
C GLU A 217 41.68 -2.53 -6.98
N ASP A 218 42.86 -2.43 -6.38
CA ASP A 218 43.28 -1.23 -5.67
C ASP A 218 43.29 -0.02 -6.58
N GLN A 219 44.12 -0.08 -7.60
CA GLN A 219 44.27 0.99 -8.59
C GLN A 219 42.93 1.55 -9.06
N ILE A 220 41.88 0.73 -9.11
CA ILE A 220 40.57 1.19 -9.55
C ILE A 220 39.96 2.08 -8.48
N ILE A 221 40.31 1.80 -7.23
CA ILE A 221 39.83 2.59 -6.12
C ILE A 221 40.53 3.94 -6.13
N GLU A 222 41.83 3.92 -6.37
CA GLU A 222 42.66 5.11 -6.41
C GLU A 222 42.32 6.11 -7.52
N ALA A 223 41.68 5.60 -8.56
CA ALA A 223 41.33 6.43 -9.68
C ALA A 223 40.26 7.45 -9.36
N ASN A 224 39.44 7.16 -8.34
CA ASN A 224 38.38 8.09 -7.96
C ASN A 224 38.94 9.38 -7.41
N PRO A 225 39.89 9.29 -6.45
CA PRO A 225 40.49 10.48 -5.86
C PRO A 225 40.93 11.53 -6.90
N VAL A 226 41.75 11.13 -7.87
CA VAL A 226 42.22 12.05 -8.90
C VAL A 226 41.06 12.57 -9.75
N LEU A 227 40.17 11.66 -10.10
CA LEU A 227 39.02 12.01 -10.89
C LEU A 227 38.16 13.00 -10.13
N GLU A 228 37.94 12.72 -8.86
CA GLU A 228 37.13 13.61 -8.03
C GLU A 228 37.85 14.93 -7.76
N ALA A 229 39.16 14.93 -7.97
CA ALA A 229 39.98 16.12 -7.73
C ALA A 229 39.69 17.21 -8.76
N PHE A 230 39.50 16.78 -10.01
CA PHE A 230 39.25 17.71 -11.10
C PHE A 230 37.81 17.60 -11.61
N GLY A 231 37.11 16.57 -11.14
CA GLY A 231 35.82 16.21 -11.71
C GLY A 231 34.67 16.68 -10.84
N ASN A 232 34.93 16.88 -9.56
CA ASN A 232 33.89 17.23 -8.60
C ASN A 232 34.06 18.65 -8.05
N ALA A 233 33.00 19.19 -7.45
CA ALA A 233 33.01 20.54 -6.88
C ALA A 233 31.94 20.64 -5.79
N LYS A 234 31.96 21.71 -5.00
CA LYS A 234 30.97 21.90 -3.95
C LYS A 234 29.82 22.75 -4.49
N THR A 235 28.62 22.21 -4.51
CA THR A 235 27.44 22.93 -4.98
C THR A 235 26.43 22.96 -3.83
N VAL A 236 25.39 23.79 -3.94
CA VAL A 236 24.38 23.87 -2.88
C VAL A 236 23.69 22.53 -2.65
N ARG A 237 23.68 21.69 -3.68
CA ARG A 237 23.05 20.39 -3.60
C ARG A 237 23.99 19.35 -3.01
N ASN A 238 25.18 19.21 -3.59
CA ASN A 238 26.12 18.24 -3.06
C ASN A 238 27.45 18.85 -2.68
N ASN A 239 28.06 18.33 -1.64
CA ASN A 239 29.36 18.83 -1.18
C ASN A 239 30.47 18.11 -1.91
N ASN A 240 30.08 17.23 -2.84
CA ASN A 240 31.05 16.48 -3.61
C ASN A 240 30.36 16.00 -4.87
N SER A 241 29.91 16.96 -5.68
CA SER A 241 29.19 16.67 -6.91
C SER A 241 30.02 16.41 -8.14
N SER A 242 29.94 15.21 -8.69
CA SER A 242 30.70 14.91 -9.90
C SER A 242 30.07 15.72 -11.03
N ARG A 243 30.87 16.60 -11.64
CA ARG A 243 30.40 17.47 -12.72
C ARG A 243 30.62 16.95 -14.15
N PHE A 244 30.61 15.63 -14.29
CA PHE A 244 30.79 14.99 -15.59
C PHE A 244 30.13 13.62 -15.51
N GLY A 245 29.80 13.04 -16.66
CA GLY A 245 29.16 11.74 -16.65
C GLY A 245 30.19 10.67 -16.88
N LYS A 246 30.15 9.58 -16.14
CA LYS A 246 31.15 8.55 -16.32
C LYS A 246 30.69 7.13 -16.56
N PHE A 247 31.21 6.50 -17.62
CA PHE A 247 30.88 5.12 -17.93
C PHE A 247 32.08 4.23 -17.71
N ILE A 248 31.98 3.35 -16.72
CA ILE A 248 33.07 2.45 -16.35
C ILE A 248 32.79 0.99 -16.71
N ARG A 249 33.70 0.34 -17.43
CA ARG A 249 33.52 -1.06 -17.83
C ARG A 249 34.56 -1.94 -17.16
N ILE A 250 34.12 -2.97 -16.43
CA ILE A 250 35.05 -3.87 -15.74
C ILE A 250 35.16 -5.15 -16.52
N HIS A 251 36.37 -5.44 -17.01
CA HIS A 251 36.62 -6.64 -17.82
C HIS A 251 37.00 -7.82 -16.96
N PHE A 252 36.47 -8.99 -17.30
CA PHE A 252 36.73 -10.24 -16.57
C PHE A 252 37.35 -11.31 -17.50
N GLY A 253 38.10 -12.24 -16.91
CA GLY A 253 38.74 -13.30 -17.68
C GLY A 253 37.93 -14.59 -17.62
N PRO A 254 38.27 -15.63 -18.42
CA PRO A 254 37.62 -16.95 -18.52
C PRO A 254 37.33 -17.75 -17.24
N THR A 255 37.75 -17.25 -16.09
CA THR A 255 37.49 -17.93 -14.82
C THR A 255 36.68 -16.96 -13.97
N GLY A 256 36.16 -15.94 -14.63
CA GLY A 256 35.35 -14.94 -13.96
C GLY A 256 36.09 -14.07 -12.97
N LYS A 257 37.33 -13.71 -13.30
CA LYS A 257 38.11 -12.87 -12.42
C LYS A 257 38.37 -11.55 -13.09
N ILE A 258 38.39 -10.48 -12.29
CA ILE A 258 38.63 -9.15 -12.85
C ILE A 258 39.95 -9.09 -13.57
N ALA A 259 39.89 -8.65 -14.82
CA ALA A 259 41.06 -8.58 -15.69
C ALA A 259 41.50 -7.19 -16.13
N GLY A 260 40.58 -6.25 -16.24
CA GLY A 260 40.97 -4.92 -16.65
C GLY A 260 39.78 -4.00 -16.52
N ALA A 261 39.97 -2.71 -16.85
CA ALA A 261 38.88 -1.76 -16.72
C ALA A 261 39.16 -0.53 -17.54
N ASP A 262 38.14 0.28 -17.78
CA ASP A 262 38.30 1.52 -18.51
C ASP A 262 37.21 2.52 -18.18
N ILE A 263 37.46 3.79 -18.43
CA ILE A 263 36.49 4.83 -18.14
C ILE A 263 36.23 5.73 -19.35
N GLU A 264 35.03 6.30 -19.39
CA GLU A 264 34.62 7.19 -20.46
C GLU A 264 33.98 8.34 -19.74
N THR A 265 34.09 9.56 -20.26
CA THR A 265 33.47 10.70 -19.60
C THR A 265 32.55 11.45 -20.55
N TYR A 266 31.69 12.28 -20.00
CA TYR A 266 30.75 13.03 -20.79
C TYR A 266 30.47 14.40 -20.21
N LEU A 267 30.28 15.37 -21.07
CA LEU A 267 29.95 16.75 -20.68
C LEU A 267 30.59 17.40 -19.46
N LEU A 268 31.90 17.61 -19.46
CA LEU A 268 32.53 18.26 -18.29
C LEU A 268 32.01 19.69 -18.23
N GLU A 269 31.66 20.17 -17.04
CA GLU A 269 31.14 21.54 -16.86
C GLU A 269 32.29 22.53 -16.84
N LYS A 270 32.60 23.09 -18.00
CA LYS A 270 33.71 24.02 -18.15
C LYS A 270 33.48 25.43 -17.58
N SER A 271 32.28 25.97 -17.76
CA SER A 271 32.00 27.33 -17.27
C SER A 271 32.37 27.58 -15.80
N ARG A 272 32.39 26.51 -15.00
CA ARG A 272 32.71 26.60 -13.59
C ARG A 272 34.16 26.98 -13.34
N VAL A 273 35.04 26.49 -14.21
CA VAL A 273 36.47 26.74 -14.11
C VAL A 273 36.82 28.19 -13.86
N THR A 274 36.07 29.12 -14.44
CA THR A 274 36.36 30.53 -14.25
C THR A 274 35.23 31.29 -13.56
N TYR A 275 34.09 30.63 -13.33
CA TYR A 275 32.94 31.26 -12.65
C TYR A 275 32.34 30.40 -11.57
N GLN A 276 32.04 31.01 -10.42
CA GLN A 276 31.40 30.32 -9.30
C GLN A 276 30.19 31.11 -8.88
N GLN A 277 29.12 30.40 -8.56
CA GLN A 277 27.88 30.99 -8.14
C GLN A 277 28.04 31.08 -6.62
N SER A 278 27.32 31.97 -5.96
CA SER A 278 27.44 32.11 -4.51
C SER A 278 27.39 30.78 -3.76
N ALA A 279 28.18 30.69 -2.68
CA ALA A 279 28.22 29.50 -1.85
C ALA A 279 28.59 28.25 -2.65
N GLU A 280 29.34 28.45 -3.73
CA GLU A 280 29.79 27.34 -4.55
C GLU A 280 31.29 27.49 -4.78
N ARG A 281 31.98 26.38 -5.00
CA ARG A 281 33.41 26.40 -5.22
C ARG A 281 33.74 25.87 -6.61
N ASN A 282 34.98 26.07 -7.06
CA ASN A 282 35.43 25.56 -8.35
C ASN A 282 35.75 24.08 -8.03
N TYR A 283 36.54 23.42 -8.86
CA TYR A 283 36.87 22.03 -8.57
C TYR A 283 37.83 21.92 -7.38
N HIS A 284 37.67 20.84 -6.61
CA HIS A 284 38.52 20.61 -5.44
C HIS A 284 40.00 20.82 -5.68
N ILE A 285 40.52 20.27 -6.77
CA ILE A 285 41.93 20.41 -7.06
C ILE A 285 42.46 21.81 -6.74
N PHE A 286 41.77 22.86 -7.19
CA PHE A 286 42.27 24.21 -6.93
C PHE A 286 42.48 24.50 -5.44
N TYR A 287 41.55 24.04 -4.59
CA TYR A 287 41.64 24.28 -3.15
C TYR A 287 42.60 23.33 -2.44
N GLN A 288 43.13 22.36 -3.18
CA GLN A 288 44.11 21.42 -2.63
C GLN A 288 45.52 22.03 -2.88
N ILE A 289 45.80 22.43 -4.10
CA ILE A 289 47.09 23.02 -4.42
C ILE A 289 47.21 24.36 -3.69
N CYS A 290 46.10 24.85 -3.14
CA CYS A 290 46.09 26.10 -2.38
C CYS A 290 46.02 25.84 -0.89
N SER A 291 46.17 24.57 -0.52
CA SER A 291 46.10 24.14 0.87
C SER A 291 47.43 24.25 1.58
N ASN A 292 48.52 24.14 0.83
CA ASN A 292 49.86 24.22 1.41
C ASN A 292 50.20 22.95 2.23
N ALA A 293 49.65 21.82 1.79
CA ALA A 293 49.85 20.54 2.47
C ALA A 293 51.20 19.97 2.11
N ILE A 294 51.73 20.46 0.99
CA ILE A 294 53.01 20.05 0.44
C ILE A 294 53.71 21.33 -0.02
N PRO A 295 54.06 22.21 0.94
CA PRO A 295 54.74 23.47 0.66
C PRO A 295 55.82 23.36 -0.40
N GLU A 296 56.62 22.31 -0.32
CA GLU A 296 57.70 22.10 -1.28
C GLU A 296 57.30 22.20 -2.73
N LEU A 297 55.98 22.22 -2.98
CA LEU A 297 55.47 22.34 -4.34
C LEU A 297 55.08 23.78 -4.65
N ASN A 298 54.73 24.52 -3.59
CA ASN A 298 54.31 25.91 -3.73
C ASN A 298 55.11 26.69 -4.77
N GLU A 299 56.42 26.43 -4.84
CA GLU A 299 57.28 27.12 -5.80
C GLU A 299 57.15 26.56 -7.21
N VAL A 300 57.19 25.24 -7.35
CA VAL A 300 57.10 24.61 -8.66
C VAL A 300 55.78 24.99 -9.34
N MET A 301 54.82 25.48 -8.55
CA MET A 301 53.54 25.89 -9.10
C MET A 301 53.55 27.42 -9.12
N LEU A 302 54.20 28.02 -8.10
CA LEU A 302 54.32 29.48 -7.99
C LEU A 302 53.10 30.12 -7.34
N ILE A 303 52.50 29.40 -6.39
CA ILE A 303 51.30 29.85 -5.68
C ILE A 303 51.43 30.14 -4.20
N THR A 304 50.60 31.05 -3.72
CA THR A 304 50.61 31.38 -2.30
C THR A 304 49.41 30.68 -1.61
N PRO A 305 49.67 29.86 -0.58
CA PRO A 305 48.66 29.11 0.20
C PRO A 305 47.35 29.81 0.62
N ASP A 306 46.86 30.74 -0.21
CA ASP A 306 45.60 31.44 0.07
C ASP A 306 44.61 31.27 -1.10
N SER A 307 43.51 30.59 -0.85
CA SER A 307 42.52 30.39 -1.89
C SER A 307 41.79 31.68 -2.24
N GLY A 308 41.48 32.50 -1.22
CA GLY A 308 40.76 33.75 -1.47
C GLY A 308 41.56 34.84 -2.17
N LEU A 309 42.73 34.47 -2.66
CA LEU A 309 43.61 35.42 -3.32
C LEU A 309 43.38 35.52 -4.85
N TYR A 310 42.98 34.42 -5.48
CA TYR A 310 42.76 34.42 -6.94
C TYR A 310 41.30 34.50 -7.38
N SER A 311 41.03 35.43 -8.30
CA SER A 311 39.69 35.71 -8.80
C SER A 311 38.91 34.58 -9.49
N PHE A 312 39.62 33.57 -10.00
CA PHE A 312 38.97 32.45 -10.65
C PHE A 312 38.41 31.40 -9.68
N ILE A 313 38.73 31.51 -8.37
CA ILE A 313 38.22 30.56 -7.40
C ILE A 313 37.75 31.22 -6.11
N ASN A 314 37.90 32.54 -6.03
CA ASN A 314 37.49 33.27 -4.82
C ASN A 314 36.13 33.98 -4.95
N GLN A 315 35.30 33.52 -5.88
CA GLN A 315 34.00 34.14 -6.11
C GLN A 315 32.85 33.66 -5.20
N GLY A 316 32.67 32.35 -5.08
CA GLY A 316 31.59 31.86 -4.22
C GLY A 316 32.10 31.79 -2.79
N CYS A 317 32.10 30.60 -2.19
CA CYS A 317 32.62 30.48 -0.84
C CYS A 317 33.95 29.73 -0.98
N LEU A 318 34.70 29.58 0.11
CA LEU A 318 36.01 28.91 0.06
C LEU A 318 36.21 27.59 0.78
N THR A 319 35.37 27.33 1.77
CA THR A 319 35.47 26.10 2.55
C THR A 319 34.31 25.11 2.38
N VAL A 320 34.54 23.92 2.90
CA VAL A 320 33.55 22.87 2.88
C VAL A 320 33.69 22.25 4.25
N ASP A 321 32.56 21.92 4.86
CA ASP A 321 32.56 21.34 6.19
C ASP A 321 33.25 19.99 6.28
N ASN A 322 32.71 19.01 5.54
CA ASN A 322 33.26 17.65 5.53
C ASN A 322 34.42 17.48 4.55
N ILE A 323 35.06 18.58 4.16
CA ILE A 323 36.19 18.55 3.25
C ILE A 323 37.42 19.21 3.89
N ASP A 324 38.48 18.42 4.01
CA ASP A 324 39.75 18.87 4.55
C ASP A 324 40.62 19.03 3.31
N ASP A 325 40.55 20.19 2.69
CA ASP A 325 41.32 20.43 1.49
C ASP A 325 42.79 20.10 1.62
N VAL A 326 43.30 20.07 2.85
CA VAL A 326 44.72 19.76 3.09
C VAL A 326 45.04 18.27 3.12
N GLU A 327 44.19 17.48 3.78
CA GLU A 327 44.39 16.03 3.83
C GLU A 327 44.20 15.45 2.42
N GLU A 328 43.13 15.90 1.77
CA GLU A 328 42.76 15.48 0.45
C GLU A 328 43.82 15.71 -0.63
N PHE A 329 44.54 16.83 -0.54
CA PHE A 329 45.58 17.12 -1.50
C PHE A 329 46.65 16.07 -1.27
N LYS A 330 46.90 15.81 0.01
CA LYS A 330 47.89 14.82 0.40
C LYS A 330 47.55 13.49 -0.25
N LEU A 331 46.32 13.03 -0.05
CA LEU A 331 45.84 11.76 -0.58
C LEU A 331 45.87 11.62 -2.09
N CYS A 332 45.51 12.68 -2.81
CA CYS A 332 45.53 12.65 -4.26
C CYS A 332 46.97 12.53 -4.73
N ASP A 333 47.88 13.20 -4.04
CA ASP A 333 49.31 13.15 -4.39
C ASP A 333 49.75 11.69 -4.34
N GLU A 334 49.25 10.99 -3.32
CA GLU A 334 49.57 9.59 -3.13
C GLU A 334 48.88 8.79 -4.22
N ALA A 335 47.70 9.25 -4.58
CA ALA A 335 46.88 8.61 -5.60
C ALA A 335 47.63 8.38 -6.92
N PHE A 336 48.33 9.40 -7.39
CA PHE A 336 49.07 9.32 -8.63
C PHE A 336 50.22 8.34 -8.58
N ASP A 337 50.72 8.06 -7.38
CA ASP A 337 51.82 7.11 -7.28
C ASP A 337 51.30 5.69 -7.49
N ILE A 338 50.31 5.30 -6.71
CA ILE A 338 49.74 3.96 -6.84
C ILE A 338 49.32 3.70 -8.28
N LEU A 339 48.94 4.77 -8.99
CA LEU A 339 48.51 4.68 -10.38
C LEU A 339 49.72 4.57 -11.31
N GLY A 340 50.88 5.04 -10.84
CA GLY A 340 52.08 4.96 -11.66
C GLY A 340 52.39 6.21 -12.42
N PHE A 341 52.07 7.37 -11.85
CA PHE A 341 52.37 8.65 -12.49
C PHE A 341 53.81 9.04 -12.11
N THR A 342 54.55 9.56 -13.08
CA THR A 342 55.92 9.97 -12.83
C THR A 342 55.89 11.32 -12.13
N LYS A 343 56.97 11.68 -11.47
CA LYS A 343 57.00 12.99 -10.80
C LYS A 343 56.84 14.04 -11.89
N GLU A 344 57.41 13.77 -13.05
CA GLU A 344 57.33 14.71 -14.17
C GLU A 344 55.88 14.95 -14.59
N GLU A 345 55.13 13.88 -14.76
CA GLU A 345 53.74 13.96 -15.15
C GLU A 345 52.97 14.68 -14.05
N LYS A 346 52.91 14.05 -12.88
CA LYS A 346 52.21 14.58 -11.71
C LYS A 346 52.41 16.08 -11.62
N THR A 347 53.67 16.50 -11.60
CA THR A 347 53.98 17.92 -11.51
C THR A 347 53.38 18.71 -12.67
N SER A 348 53.57 18.23 -13.90
CA SER A 348 53.04 18.89 -15.10
C SER A 348 51.60 19.27 -14.81
N MET A 349 50.91 18.29 -14.22
CA MET A 349 49.52 18.44 -13.82
C MET A 349 49.38 19.68 -12.94
N PHE A 350 50.01 19.66 -11.77
CA PHE A 350 49.92 20.78 -10.85
C PHE A 350 50.34 22.10 -11.52
N LYS A 351 51.25 22.02 -12.49
CA LYS A 351 51.73 23.22 -13.17
C LYS A 351 50.66 23.83 -14.05
N CYS A 352 50.19 23.02 -14.98
CA CYS A 352 49.18 23.49 -15.90
C CYS A 352 47.93 23.88 -15.12
N THR A 353 47.73 23.30 -13.95
CA THR A 353 46.56 23.63 -13.16
C THR A 353 46.76 24.98 -12.51
N ALA A 354 47.94 25.15 -11.89
CA ALA A 354 48.29 26.38 -11.20
C ALA A 354 48.18 27.58 -12.12
N SER A 355 48.70 27.44 -13.34
CA SER A 355 48.67 28.54 -14.31
C SER A 355 47.30 29.14 -14.57
N ILE A 356 46.26 28.33 -14.42
CA ILE A 356 44.92 28.84 -14.64
C ILE A 356 44.63 29.89 -13.58
N LEU A 357 45.20 29.71 -12.38
CA LEU A 357 45.00 30.66 -11.30
C LEU A 357 45.58 32.04 -11.65
N HIS A 358 46.73 32.05 -12.32
CA HIS A 358 47.41 33.30 -12.69
C HIS A 358 46.77 33.98 -13.90
N MET A 359 46.24 33.19 -14.83
CA MET A 359 45.60 33.74 -16.02
C MET A 359 44.46 34.65 -15.60
N GLY A 360 43.78 34.25 -14.52
CA GLY A 360 42.68 35.03 -14.02
C GLY A 360 43.18 36.28 -13.31
N GLU A 361 44.46 36.27 -12.98
CA GLU A 361 45.04 37.42 -12.30
C GLU A 361 45.70 38.43 -13.27
N MET A 362 45.73 38.09 -14.56
CA MET A 362 46.29 38.99 -15.58
C MET A 362 45.32 40.16 -15.80
N LYS A 363 45.82 41.38 -15.63
CA LYS A 363 45.00 42.56 -15.81
C LYS A 363 45.35 43.27 -17.12
N PHE A 364 44.40 44.02 -17.69
CA PHE A 364 44.63 44.74 -18.94
C PHE A 364 44.18 46.20 -18.91
N LYS A 365 45.00 47.04 -19.53
CA LYS A 365 44.74 48.47 -19.58
C LYS A 365 44.04 48.89 -20.87
N GLN A 366 42.92 49.54 -20.70
CA GLN A 366 42.09 50.05 -21.78
C GLN A 366 42.52 51.50 -21.95
N ARG A 367 42.89 51.88 -23.17
CA ARG A 367 43.23 53.26 -23.50
C ARG A 367 42.25 54.21 -22.82
N PRO A 368 42.38 55.51 -23.09
CA PRO A 368 41.46 56.43 -22.48
C PRO A 368 40.09 56.23 -23.12
N ARG A 369 39.97 56.81 -24.31
CA ARG A 369 38.72 56.80 -25.10
C ARG A 369 38.71 56.08 -26.40
N GLU A 370 39.70 55.20 -26.56
CA GLU A 370 39.76 54.49 -27.79
C GLU A 370 39.36 53.06 -27.94
N GLU A 371 40.10 52.43 -28.85
CA GLU A 371 39.78 51.10 -29.29
C GLU A 371 40.74 49.92 -29.42
N GLN A 372 41.70 49.86 -28.52
CA GLN A 372 42.63 48.76 -28.49
C GLN A 372 43.14 48.71 -27.05
N ALA A 373 43.60 47.53 -26.65
CA ALA A 373 44.05 47.31 -25.28
C ALA A 373 45.51 46.92 -25.18
N GLU A 374 46.02 46.94 -23.96
CA GLU A 374 47.41 46.60 -23.67
C GLU A 374 47.50 46.20 -22.20
N SER A 375 48.28 45.15 -21.90
CA SER A 375 48.40 44.66 -20.53
C SER A 375 48.74 45.73 -19.48
N ASP A 376 48.72 45.31 -18.21
CA ASP A 376 49.02 46.19 -17.08
C ASP A 376 49.84 45.39 -16.05
N GLY A 377 51.09 45.13 -16.39
CA GLY A 377 51.96 44.35 -15.52
C GLY A 377 52.33 43.11 -16.31
N THR A 378 53.15 42.23 -15.73
CA THR A 378 53.55 41.03 -16.44
C THR A 378 53.74 39.87 -15.49
N ALA A 379 53.90 40.20 -14.21
CA ALA A 379 54.10 39.19 -13.18
C ALA A 379 53.18 37.98 -13.42
N GLU A 380 51.93 38.27 -13.76
CA GLU A 380 50.91 37.25 -14.02
C GLU A 380 51.12 36.58 -15.38
N ALA A 381 51.31 37.42 -16.40
CA ALA A 381 51.51 36.96 -17.76
C ALA A 381 52.82 36.17 -17.90
N GLU A 382 53.76 36.46 -17.02
CA GLU A 382 55.06 35.79 -17.01
C GLU A 382 54.98 34.42 -16.31
N LYS A 383 54.40 34.41 -15.12
CA LYS A 383 54.24 33.19 -14.34
C LYS A 383 53.51 32.15 -15.18
N VAL A 384 52.60 32.64 -16.03
CA VAL A 384 51.82 31.81 -16.95
C VAL A 384 52.73 31.20 -18.02
N ALA A 385 53.39 32.07 -18.78
CA ALA A 385 54.31 31.65 -19.83
C ALA A 385 55.39 30.73 -19.26
N PHE A 386 55.83 30.99 -18.02
CA PHE A 386 56.85 30.14 -17.42
C PHE A 386 56.31 28.72 -17.35
N LEU A 387 55.27 28.57 -16.53
CA LEU A 387 54.62 27.28 -16.29
C LEU A 387 54.13 26.63 -17.58
N CYS A 388 53.75 27.45 -18.56
CA CYS A 388 53.30 26.94 -19.85
C CYS A 388 54.45 26.58 -20.79
N GLY A 389 55.67 26.97 -20.44
CA GLY A 389 56.83 26.69 -21.29
C GLY A 389 56.85 27.49 -22.58
N ILE A 390 56.31 28.70 -22.53
CA ILE A 390 56.27 29.57 -23.71
C ILE A 390 56.82 30.95 -23.39
N ASN A 391 56.78 31.84 -24.35
CA ASN A 391 57.28 33.21 -24.18
C ASN A 391 56.13 34.12 -23.76
N ALA A 392 56.29 34.85 -22.64
CA ALA A 392 55.23 35.76 -22.17
C ALA A 392 54.98 36.95 -23.12
N GLY A 393 56.04 37.39 -23.80
CA GLY A 393 55.91 38.48 -24.77
C GLY A 393 55.06 37.98 -25.91
N ASP A 394 55.43 36.81 -26.43
CA ASP A 394 54.70 36.15 -27.50
C ASP A 394 53.24 36.08 -27.09
N LEU A 395 53.04 35.50 -25.91
CA LEU A 395 51.72 35.29 -25.29
C LEU A 395 50.88 36.56 -25.21
N LEU A 396 51.44 37.61 -24.63
CA LEU A 396 50.68 38.85 -24.52
C LEU A 396 50.55 39.55 -25.85
N LYS A 397 51.38 39.18 -26.83
CA LYS A 397 51.30 39.80 -28.15
C LYS A 397 50.15 39.17 -28.95
N ALA A 398 49.99 37.85 -28.84
CA ALA A 398 48.92 37.15 -29.55
C ALA A 398 47.60 37.28 -28.79
N LEU A 399 47.70 37.39 -27.45
CA LEU A 399 46.52 37.53 -26.59
C LEU A 399 45.96 38.94 -26.77
N LEU A 400 46.85 39.90 -26.97
CA LEU A 400 46.44 41.28 -27.21
C LEU A 400 45.95 41.34 -28.65
N LYS A 401 46.83 41.70 -29.58
CA LYS A 401 46.43 41.73 -30.98
C LYS A 401 46.94 40.46 -31.68
N PRO A 402 46.03 39.52 -31.96
CA PRO A 402 46.28 38.24 -32.61
C PRO A 402 46.76 38.21 -34.05
N LYS A 403 46.68 37.01 -34.62
CA LYS A 403 47.10 36.71 -35.97
C LYS A 403 46.19 35.57 -36.44
N VAL A 404 45.25 35.88 -37.32
CA VAL A 404 44.31 34.87 -37.81
C VAL A 404 44.89 34.03 -38.93
N LYS A 405 44.07 33.17 -39.52
CA LYS A 405 44.48 32.28 -40.59
C LYS A 405 43.51 32.32 -41.79
N VAL A 406 43.51 33.44 -42.50
CA VAL A 406 42.65 33.63 -43.67
C VAL A 406 43.36 33.00 -44.87
N GLY A 407 42.60 32.36 -45.75
CA GLY A 407 43.17 31.69 -46.92
C GLY A 407 44.28 32.43 -47.66
N THR A 408 45.45 31.78 -47.73
CA THR A 408 46.62 32.29 -48.43
C THR A 408 47.29 33.56 -47.88
N GLU A 409 46.56 34.34 -47.07
CA GLU A 409 47.10 35.57 -46.49
C GLU A 409 46.50 35.93 -45.13
N MET A 410 46.96 35.26 -44.07
CA MET A 410 46.46 35.51 -42.73
C MET A 410 46.70 36.97 -42.30
N VAL A 411 45.64 37.60 -41.80
CA VAL A 411 45.65 39.00 -41.40
C VAL A 411 46.02 39.26 -39.93
N THR A 412 45.79 40.50 -39.49
CA THR A 412 46.03 40.91 -38.10
C THR A 412 44.69 41.31 -37.50
N LYS A 413 44.29 40.69 -36.38
CA LYS A 413 43.02 41.04 -35.77
C LYS A 413 43.20 41.93 -34.55
N GLY A 414 42.31 42.91 -34.41
CA GLY A 414 42.40 43.81 -33.28
C GLY A 414 41.49 43.46 -32.13
N GLN A 415 42.08 43.42 -30.94
CA GLN A 415 41.31 43.07 -29.75
C GLN A 415 40.84 44.30 -29.05
N ASN A 416 39.62 44.23 -28.54
CA ASN A 416 39.16 45.39 -27.82
C ASN A 416 39.64 45.05 -26.37
N LEU A 417 38.76 45.29 -25.38
CA LEU A 417 38.98 45.15 -23.94
C LEU A 417 38.67 43.73 -23.52
N GLN A 418 37.38 43.78 -23.25
CA GLN A 418 36.49 42.74 -22.90
C GLN A 418 37.18 41.55 -23.56
N GLN A 419 36.86 41.43 -24.85
CA GLN A 419 37.39 40.45 -25.76
C GLN A 419 38.54 39.70 -25.06
N VAL A 420 39.68 40.37 -24.97
CA VAL A 420 40.87 39.83 -24.32
C VAL A 420 40.43 38.98 -23.13
N ILE A 421 39.72 39.60 -22.19
CA ILE A 421 39.20 38.92 -21.00
C ILE A 421 38.50 37.61 -21.36
N ASN A 422 37.69 37.65 -22.42
CA ASN A 422 36.95 36.49 -22.89
C ASN A 422 37.81 35.40 -23.52
N SER A 423 39.03 35.77 -23.91
CA SER A 423 39.95 34.81 -24.52
C SER A 423 40.86 34.21 -23.44
N VAL A 424 40.94 34.87 -22.29
CA VAL A 424 41.76 34.37 -21.19
C VAL A 424 40.95 33.26 -20.55
N GLY A 425 39.69 33.55 -20.29
CA GLY A 425 38.81 32.58 -19.66
C GLY A 425 38.64 31.39 -20.58
N ALA A 426 38.48 31.68 -21.87
CA ALA A 426 38.30 30.66 -22.90
C ALA A 426 39.53 29.78 -23.00
N LEU A 427 40.68 30.36 -22.68
CA LEU A 427 41.94 29.65 -22.70
C LEU A 427 41.96 28.68 -21.51
N SER A 428 41.63 29.19 -20.32
CA SER A 428 41.57 28.40 -19.12
C SER A 428 40.62 27.24 -19.40
N LYS A 429 39.33 27.56 -19.56
CA LYS A 429 38.30 26.55 -19.84
C LYS A 429 38.84 25.46 -20.75
N SER A 430 39.22 25.86 -21.97
CA SER A 430 39.75 24.95 -22.98
C SER A 430 40.96 24.16 -22.50
N LEU A 431 41.78 24.76 -21.65
CA LEU A 431 42.97 24.06 -21.14
C LEU A 431 42.60 23.01 -20.10
N TYR A 432 41.65 23.37 -19.22
CA TYR A 432 41.21 22.46 -18.16
C TYR A 432 40.57 21.23 -18.80
N ASP A 433 39.78 21.44 -19.86
CA ASP A 433 39.13 20.33 -20.53
C ASP A 433 40.15 19.36 -21.11
N ARG A 434 41.06 19.90 -21.92
CA ARG A 434 42.11 19.09 -22.57
C ARG A 434 42.87 18.28 -21.54
N MET A 435 43.22 18.95 -20.46
CA MET A 435 43.97 18.34 -19.37
C MET A 435 43.18 17.16 -18.81
N PHE A 436 41.97 17.44 -18.39
CA PHE A 436 41.09 16.44 -17.82
C PHE A 436 40.98 15.24 -18.74
N ASN A 437 40.72 15.47 -20.03
CA ASN A 437 40.60 14.36 -20.97
C ASN A 437 41.89 13.54 -20.96
N TRP A 438 43.01 14.23 -20.97
CA TRP A 438 44.30 13.57 -20.95
C TRP A 438 44.35 12.67 -19.70
N LEU A 439 43.95 13.23 -18.55
CA LEU A 439 43.95 12.55 -17.25
C LEU A 439 43.21 11.21 -17.28
N VAL A 440 42.03 11.22 -17.85
CA VAL A 440 41.24 10.00 -17.93
C VAL A 440 41.97 8.98 -18.79
N LYS A 441 42.37 9.40 -19.99
CA LYS A 441 43.06 8.51 -20.92
C LYS A 441 44.32 7.91 -20.27
N ARG A 442 44.99 8.68 -19.42
CA ARG A 442 46.18 8.20 -18.74
C ARG A 442 45.76 7.08 -17.80
N VAL A 443 44.79 7.35 -16.95
CA VAL A 443 44.31 6.36 -16.00
C VAL A 443 43.96 5.06 -16.70
N ASN A 444 43.27 5.17 -17.84
CA ASN A 444 42.89 3.98 -18.62
C ASN A 444 44.16 3.21 -18.97
N ARG A 445 45.20 3.98 -19.29
CA ARG A 445 46.49 3.41 -19.65
C ARG A 445 46.94 2.51 -18.52
N THR A 446 46.88 3.02 -17.29
CA THR A 446 47.26 2.24 -16.12
C THR A 446 46.46 0.96 -15.98
N LEU A 447 45.16 1.13 -15.79
CA LEU A 447 44.20 0.04 -15.62
C LEU A 447 44.13 -0.97 -16.74
N ASP A 448 44.68 -0.62 -17.90
CA ASP A 448 44.64 -1.56 -18.99
C ASP A 448 45.80 -2.53 -18.92
N THR A 449 45.58 -3.62 -18.20
CA THR A 449 46.60 -4.64 -18.11
C THR A 449 46.32 -5.40 -19.39
N LYS A 450 47.26 -5.37 -20.33
CA LYS A 450 47.07 -6.07 -21.61
C LYS A 450 46.82 -7.55 -21.35
N ALA A 451 45.64 -7.88 -20.83
CA ALA A 451 45.29 -9.25 -20.54
C ALA A 451 43.96 -9.59 -21.18
N LYS A 452 43.87 -10.82 -21.67
CA LYS A 452 42.65 -11.30 -22.33
C LYS A 452 41.37 -11.06 -21.55
N ARG A 453 40.42 -10.34 -22.14
CA ARG A 453 39.14 -10.12 -21.49
C ARG A 453 38.09 -10.79 -22.35
N ASN A 454 37.18 -11.51 -21.71
CA ASN A 454 36.11 -12.19 -22.42
C ASN A 454 34.82 -11.39 -22.35
N TYR A 455 34.47 -10.94 -21.15
CA TYR A 455 33.24 -10.18 -20.99
C TYR A 455 33.47 -9.00 -20.07
N TYR A 456 32.50 -8.10 -20.05
CA TYR A 456 32.60 -6.93 -19.20
C TYR A 456 31.27 -6.62 -18.54
N ILE A 457 31.28 -5.59 -17.69
CA ILE A 457 30.09 -5.13 -17.01
C ILE A 457 30.33 -3.64 -16.87
N GLY A 458 29.50 -2.85 -17.51
CA GLY A 458 29.67 -1.41 -17.43
C GLY A 458 28.84 -0.84 -16.31
N VAL A 459 29.12 0.39 -15.93
CA VAL A 459 28.40 1.06 -14.88
C VAL A 459 28.28 2.50 -15.31
N LEU A 460 27.07 2.93 -15.64
CA LEU A 460 26.87 4.30 -16.08
C LEU A 460 26.52 5.14 -14.86
N ASP A 461 26.75 6.44 -14.96
CA ASP A 461 26.48 7.34 -13.84
C ASP A 461 26.41 8.78 -14.32
N ILE A 462 25.31 9.16 -14.91
CA ILE A 462 25.19 10.52 -15.39
C ILE A 462 24.04 11.21 -14.67
N ALA A 463 23.90 12.50 -14.88
CA ALA A 463 22.82 13.25 -14.27
C ALA A 463 21.53 12.67 -14.81
N GLY A 464 20.42 12.90 -14.14
CA GLY A 464 19.16 12.36 -14.64
C GLY A 464 18.41 13.46 -15.33
N PHE A 465 17.19 13.18 -15.77
CA PHE A 465 16.36 14.19 -16.44
C PHE A 465 15.96 15.24 -15.42
N GLU A 466 16.27 16.50 -15.70
CA GLU A 466 15.92 17.56 -14.76
C GLU A 466 15.34 18.83 -15.37
N ILE A 467 14.27 19.30 -14.75
CA ILE A 467 13.56 20.49 -15.17
C ILE A 467 13.84 21.52 -14.10
N PHE A 468 13.99 22.76 -14.52
CA PHE A 468 14.25 23.86 -13.59
C PHE A 468 13.32 25.02 -13.90
N ASP A 469 13.53 26.12 -13.17
CA ASP A 469 12.72 27.29 -13.39
C ASP A 469 13.19 27.82 -14.74
N PHE A 470 14.50 27.89 -14.90
CA PHE A 470 15.13 28.38 -16.12
C PHE A 470 15.99 27.25 -16.72
N ASN A 471 15.84 27.00 -18.03
CA ASN A 471 16.57 25.93 -18.69
C ASN A 471 17.29 26.40 -19.95
N SER A 472 18.47 25.85 -20.21
CA SER A 472 19.25 26.23 -21.38
C SER A 472 19.93 25.07 -22.10
N PHE A 473 20.82 25.43 -23.02
CA PHE A 473 21.59 24.49 -23.82
C PHE A 473 22.17 23.35 -22.99
N GLU A 474 22.56 23.67 -21.77
CA GLU A 474 23.15 22.68 -20.87
C GLU A 474 22.12 21.66 -20.42
N GLN A 475 20.89 22.14 -20.24
CA GLN A 475 19.78 21.29 -19.81
C GLN A 475 19.35 20.41 -20.97
N LEU A 476 19.20 20.99 -22.14
CA LEU A 476 18.78 20.21 -23.32
C LEU A 476 19.69 18.98 -23.46
N CYS A 477 21.00 19.17 -23.42
CA CYS A 477 21.97 18.08 -23.54
C CYS A 477 21.69 16.88 -22.63
N ILE A 478 21.59 17.17 -21.33
CA ILE A 478 21.33 16.18 -20.29
C ILE A 478 20.06 15.39 -20.59
N ASN A 479 18.98 16.15 -20.73
CA ASN A 479 17.66 15.63 -21.02
C ASN A 479 17.67 14.82 -22.32
N TYR A 480 18.43 15.29 -23.30
CA TYR A 480 18.54 14.60 -24.58
C TYR A 480 19.26 13.25 -24.47
N THR A 481 20.07 13.11 -23.44
CA THR A 481 20.81 11.86 -23.21
C THR A 481 19.85 10.88 -22.54
N ASN A 482 19.26 11.29 -21.43
CA ASN A 482 18.32 10.43 -20.73
C ASN A 482 17.18 10.01 -21.64
N GLU A 483 16.80 10.88 -22.57
CA GLU A 483 15.73 10.57 -23.51
C GLU A 483 16.14 9.29 -24.23
N ARG A 484 17.30 9.33 -24.88
CA ARG A 484 17.87 8.17 -25.58
C ARG A 484 17.99 6.98 -24.61
N LEU A 485 18.38 7.29 -23.38
CA LEU A 485 18.58 6.30 -22.33
C LEU A 485 17.29 5.71 -21.79
N GLN A 486 16.19 6.45 -21.90
CA GLN A 486 14.92 5.91 -21.42
C GLN A 486 14.38 4.98 -22.49
N GLN A 487 14.50 5.41 -23.76
CA GLN A 487 14.04 4.62 -24.89
C GLN A 487 14.72 3.25 -24.85
N PHE A 488 15.93 3.22 -24.33
CA PHE A 488 16.67 1.98 -24.22
C PHE A 488 15.97 1.06 -23.21
N PHE A 489 15.46 1.64 -22.12
CA PHE A 489 14.76 0.84 -21.09
C PHE A 489 13.43 0.28 -21.59
N ASN A 490 12.63 1.16 -22.19
CA ASN A 490 11.35 0.74 -22.71
C ASN A 490 11.61 -0.42 -23.66
N HIS A 491 12.73 -0.39 -24.37
CA HIS A 491 13.07 -1.48 -25.31
C HIS A 491 13.48 -2.75 -24.61
N HIS A 492 14.03 -2.63 -23.41
CA HIS A 492 14.41 -3.84 -22.70
C HIS A 492 13.13 -4.41 -22.17
N MET A 493 12.30 -3.54 -21.61
CA MET A 493 11.01 -3.96 -21.07
C MET A 493 10.20 -4.69 -22.14
N PHE A 494 10.10 -4.09 -23.33
CA PHE A 494 9.35 -4.65 -24.45
C PHE A 494 9.76 -6.05 -24.87
N VAL A 495 11.06 -6.33 -24.91
CA VAL A 495 11.49 -7.68 -25.29
C VAL A 495 11.09 -8.66 -24.19
N LEU A 496 11.48 -8.35 -22.95
CA LEU A 496 11.17 -9.20 -21.80
C LEU A 496 9.71 -9.62 -21.75
N GLU A 497 8.81 -8.64 -21.92
CA GLU A 497 7.37 -8.85 -21.90
C GLU A 497 6.95 -9.77 -23.05
N GLN A 498 7.43 -9.46 -24.26
CA GLN A 498 7.13 -10.27 -25.45
C GLN A 498 7.46 -11.75 -25.23
N GLU A 499 8.72 -12.00 -24.89
CA GLU A 499 9.21 -13.34 -24.64
C GLU A 499 8.49 -14.01 -23.48
N GLU A 500 7.84 -13.20 -22.64
CA GLU A 500 7.11 -13.75 -21.50
C GLU A 500 5.75 -14.21 -21.98
N TYR A 501 5.04 -13.32 -22.66
CA TYR A 501 3.72 -13.65 -23.18
C TYR A 501 3.83 -14.83 -24.15
N LYS A 502 4.79 -14.79 -25.08
CA LYS A 502 4.95 -15.90 -26.01
C LYS A 502 5.27 -17.23 -25.30
N LYS A 503 6.09 -17.15 -24.27
CA LYS A 503 6.51 -18.32 -23.49
C LYS A 503 5.37 -19.07 -22.79
N GLU A 504 4.26 -18.38 -22.54
CA GLU A 504 3.11 -19.00 -21.86
C GLU A 504 1.93 -19.30 -22.77
N GLY A 505 2.19 -19.40 -24.06
CA GLY A 505 1.13 -19.73 -24.99
C GLY A 505 0.19 -18.60 -25.34
N ILE A 506 -0.01 -17.67 -24.42
CA ILE A 506 -0.85 -16.52 -24.69
C ILE A 506 0.01 -15.93 -25.84
N GLN A 507 0.02 -14.65 -26.12
CA GLN A 507 0.94 -14.23 -27.19
C GLN A 507 1.20 -12.74 -27.07
N TRP A 508 1.14 -12.02 -28.17
CA TRP A 508 1.36 -10.61 -28.09
C TRP A 508 0.67 -10.03 -29.26
N GLU A 509 0.03 -8.89 -29.07
CA GLU A 509 -0.66 -8.29 -30.17
C GLU A 509 -0.06 -7.00 -30.68
N PHE A 510 1.07 -6.50 -30.18
CA PHE A 510 1.17 -5.16 -30.69
C PHE A 510 2.28 -4.16 -31.16
N ILE A 511 3.02 -3.46 -30.32
CA ILE A 511 4.02 -2.52 -30.93
C ILE A 511 5.45 -2.58 -30.40
N ASP A 512 5.83 -1.52 -29.67
CA ASP A 512 7.14 -1.37 -29.05
C ASP A 512 7.08 -0.10 -28.22
N PHE A 513 7.72 -0.13 -27.07
CA PHE A 513 7.72 1.00 -26.17
C PHE A 513 8.62 2.14 -26.59
N GLY A 514 9.50 1.91 -27.56
CA GLY A 514 10.32 3.00 -28.04
C GLY A 514 9.37 3.62 -29.06
N MET A 515 8.39 4.38 -28.60
CA MET A 515 7.44 4.95 -29.53
C MET A 515 7.50 6.45 -29.68
N ASP A 516 6.80 7.18 -28.80
CA ASP A 516 6.77 8.64 -28.84
C ASP A 516 8.12 9.17 -28.42
N LEU A 517 8.99 8.25 -28.01
CA LEU A 517 10.34 8.63 -27.63
C LEU A 517 11.07 9.03 -28.87
N GLN A 518 10.90 8.26 -29.94
CA GLN A 518 11.55 8.54 -31.22
C GLN A 518 11.31 9.93 -31.82
N MET A 519 10.07 10.36 -31.87
CA MET A 519 9.77 11.66 -32.43
C MET A 519 10.54 12.75 -31.73
N CYS A 520 10.47 12.74 -30.41
CA CYS A 520 11.17 13.73 -29.60
C CYS A 520 12.66 13.68 -29.87
N ILE A 521 13.21 12.46 -29.87
CA ILE A 521 14.62 12.27 -30.14
C ILE A 521 14.95 12.74 -31.53
N ASP A 522 14.11 12.41 -32.51
CA ASP A 522 14.36 12.83 -33.89
C ASP A 522 14.39 14.35 -34.05
N LEU A 523 13.43 15.03 -33.43
CA LEU A 523 13.37 16.48 -33.50
C LEU A 523 14.72 17.08 -33.18
N ILE A 524 15.39 16.48 -32.21
CA ILE A 524 16.70 16.91 -31.74
C ILE A 524 17.91 16.48 -32.58
N GLU A 525 18.08 15.18 -32.76
CA GLU A 525 19.24 14.65 -33.47
C GLU A 525 19.18 14.43 -34.96
N LYS A 526 18.02 14.48 -35.57
CA LYS A 526 17.95 14.24 -37.01
C LYS A 526 18.36 15.43 -37.83
N PRO A 527 18.62 15.20 -39.14
CA PRO A 527 19.03 16.18 -40.13
C PRO A 527 18.54 17.63 -40.01
N MET A 528 17.26 17.92 -40.13
CA MET A 528 16.90 19.33 -40.01
C MET A 528 16.33 19.76 -38.68
N GLY A 529 16.67 19.02 -37.62
CA GLY A 529 16.19 19.33 -36.27
C GLY A 529 17.00 20.34 -35.45
N ILE A 530 16.53 20.65 -34.25
CA ILE A 530 17.18 21.62 -33.36
C ILE A 530 18.70 21.66 -33.42
N LEU A 531 19.33 20.69 -32.78
CA LEU A 531 20.77 20.61 -32.75
C LEU A 531 21.37 20.83 -34.11
N SER A 532 20.81 20.19 -35.11
CA SER A 532 21.34 20.34 -36.44
C SER A 532 21.44 21.81 -36.91
N ILE A 533 20.40 22.60 -36.64
CA ILE A 533 20.39 24.01 -37.04
C ILE A 533 21.36 24.83 -36.21
N LEU A 534 21.49 24.49 -34.93
CA LEU A 534 22.44 25.19 -34.09
C LEU A 534 23.78 24.99 -34.79
N GLU A 535 24.08 23.73 -35.10
CA GLU A 535 25.32 23.38 -35.77
C GLU A 535 25.55 24.17 -37.05
N GLU A 536 24.53 24.25 -37.90
CA GLU A 536 24.64 24.98 -39.17
C GLU A 536 24.66 26.49 -38.98
N GLU A 537 23.98 26.97 -37.95
CA GLU A 537 23.89 28.40 -37.68
C GLU A 537 25.07 29.00 -36.94
N CYS A 538 26.08 28.17 -36.67
CA CYS A 538 27.26 28.62 -35.95
C CYS A 538 28.38 29.07 -36.87
N MET A 539 28.49 28.41 -38.02
CA MET A 539 29.52 28.75 -38.99
C MET A 539 29.21 30.07 -39.72
N PHE A 540 28.25 30.81 -39.19
CA PHE A 540 27.89 32.10 -39.78
C PHE A 540 28.25 33.13 -38.72
N PRO A 541 29.09 34.12 -39.07
CA PRO A 541 29.54 35.19 -38.18
C PRO A 541 28.45 36.09 -37.58
N LYS A 542 27.60 36.61 -38.46
CA LYS A 542 26.51 37.50 -38.09
C LYS A 542 25.23 36.74 -37.76
N ALA A 543 25.35 35.73 -36.91
CA ALA A 543 24.20 34.94 -36.52
C ALA A 543 23.67 35.52 -35.21
N ASP A 544 22.38 35.79 -35.17
CA ASP A 544 21.77 36.37 -33.99
C ASP A 544 21.00 35.35 -33.17
N ASP A 545 20.78 35.66 -31.89
CA ASP A 545 20.00 34.78 -31.03
C ASP A 545 18.66 34.66 -31.72
N LYS A 546 18.32 35.67 -32.54
CA LYS A 546 17.06 35.65 -33.27
C LYS A 546 17.18 34.98 -34.64
N SER A 547 18.39 35.00 -35.21
CA SER A 547 18.58 34.32 -36.47
C SER A 547 18.20 32.87 -36.16
N PHE A 548 18.82 32.35 -35.10
CA PHE A 548 18.63 30.98 -34.61
C PHE A 548 17.19 30.70 -34.27
N GLN A 549 16.56 31.63 -33.57
CA GLN A 549 15.14 31.47 -33.19
C GLN A 549 14.29 31.45 -34.46
N ASP A 550 14.70 32.24 -35.43
CA ASP A 550 14.00 32.36 -36.69
C ASP A 550 13.92 31.03 -37.46
N TYR A 551 15.04 30.39 -37.76
CA TYR A 551 14.98 29.09 -38.47
C TYR A 551 14.27 28.07 -37.60
N SER A 552 14.68 27.93 -36.32
CA SER A 552 14.03 26.92 -35.49
C SER A 552 12.52 27.13 -35.30
N TYR A 553 11.98 28.21 -35.86
CA TYR A 553 10.53 28.40 -35.81
C TYR A 553 10.08 27.97 -37.19
N GLN A 554 10.87 28.38 -38.18
CA GLN A 554 10.59 28.06 -39.57
C GLN A 554 10.48 26.53 -39.80
N ASN A 555 11.57 25.82 -39.54
CA ASN A 555 11.60 24.37 -39.72
C ASN A 555 10.71 23.56 -38.79
N HIS A 556 10.22 24.13 -37.69
CA HIS A 556 9.43 23.29 -36.78
C HIS A 556 8.15 23.78 -36.13
N ILE A 557 8.07 25.01 -35.65
CA ILE A 557 6.83 25.45 -35.00
C ILE A 557 5.67 25.53 -35.99
N GLY A 558 4.62 24.76 -35.71
CA GLY A 558 3.45 24.72 -36.56
C GLY A 558 3.52 23.49 -37.43
N LYS A 559 4.56 22.69 -37.25
CA LYS A 559 4.74 21.48 -38.02
C LYS A 559 4.94 20.29 -37.11
N ASN A 560 5.57 20.50 -35.97
CA ASN A 560 5.80 19.38 -35.06
C ASN A 560 4.85 19.45 -33.90
N ARG A 561 4.51 18.27 -33.39
CA ARG A 561 3.61 18.11 -32.27
C ARG A 561 4.48 18.21 -31.02
N MET A 562 5.66 17.62 -31.09
CA MET A 562 6.61 17.61 -29.98
C MET A 562 7.29 18.95 -29.76
N PHE A 563 6.93 19.94 -30.57
CA PHE A 563 7.51 21.28 -30.49
C PHE A 563 6.40 22.35 -30.48
N THR A 564 6.28 23.11 -29.40
CA THR A 564 5.24 24.12 -29.33
C THR A 564 5.69 25.44 -28.74
N LYS A 565 4.72 26.30 -28.47
CA LYS A 565 4.98 27.61 -27.92
C LYS A 565 4.87 27.59 -26.40
N PRO A 566 5.46 28.59 -25.73
CA PRO A 566 5.42 28.69 -24.28
C PRO A 566 4.00 28.59 -23.76
N GLY A 567 3.85 27.99 -22.59
CA GLY A 567 2.53 27.85 -21.99
C GLY A 567 2.41 28.59 -20.67
N LYS A 568 1.28 28.38 -19.99
CA LYS A 568 1.02 29.01 -18.70
C LYS A 568 1.95 28.41 -17.66
N PRO A 569 2.69 29.27 -16.94
CA PRO A 569 3.66 28.89 -15.89
C PRO A 569 3.20 27.80 -14.93
N THR A 570 3.96 26.70 -14.85
CA THR A 570 3.64 25.57 -13.97
C THR A 570 3.99 25.78 -12.51
N ARG A 571 5.17 26.35 -12.25
CA ARG A 571 5.60 26.59 -10.87
C ARG A 571 5.93 28.08 -10.75
N PRO A 572 6.17 28.58 -9.51
CA PRO A 572 6.49 30.01 -9.36
C PRO A 572 7.91 30.29 -9.82
N ASN A 573 8.14 31.46 -10.38
CA ASN A 573 9.47 31.83 -10.83
C ASN A 573 9.86 31.17 -12.17
N GLN A 574 8.90 30.67 -12.94
CA GLN A 574 9.24 30.07 -14.24
C GLN A 574 9.97 31.14 -15.02
N GLY A 575 11.25 30.90 -15.28
CA GLY A 575 12.03 31.86 -16.02
C GLY A 575 11.47 32.07 -17.41
N HIS A 576 12.26 32.75 -18.24
CA HIS A 576 11.86 33.04 -19.62
C HIS A 576 11.95 31.76 -20.47
N ALA A 577 11.46 31.81 -21.72
CA ALA A 577 11.52 30.66 -22.61
C ALA A 577 11.15 31.03 -24.05
N HIS A 578 11.62 30.24 -25.00
CA HIS A 578 11.35 30.47 -26.42
C HIS A 578 10.47 29.39 -27.09
N PHE A 579 10.52 28.16 -26.58
CA PHE A 579 9.74 27.07 -27.14
C PHE A 579 9.71 25.95 -26.12
N GLU A 580 8.69 25.09 -26.21
CA GLU A 580 8.51 23.96 -25.30
C GLU A 580 8.81 22.62 -25.96
N LEU A 581 9.38 21.70 -25.19
CA LEU A 581 9.73 20.38 -25.70
C LEU A 581 9.00 19.30 -24.91
N HIS A 582 8.30 18.43 -25.63
CA HIS A 582 7.53 17.34 -25.04
C HIS A 582 8.37 16.08 -24.80
N HIS A 583 9.19 16.10 -23.76
CA HIS A 583 10.00 14.94 -23.45
C HIS A 583 9.05 13.92 -22.84
N TYR A 584 9.55 12.72 -22.52
CA TYR A 584 8.75 11.65 -21.93
C TYR A 584 8.40 11.95 -20.48
N ALA A 585 9.05 12.95 -19.90
CA ALA A 585 8.79 13.30 -18.51
C ALA A 585 8.08 14.65 -18.38
N GLY A 586 7.58 15.16 -19.50
CA GLY A 586 6.85 16.41 -19.46
C GLY A 586 7.35 17.46 -20.42
N ASN A 587 6.58 18.54 -20.53
CA ASN A 587 6.92 19.68 -21.40
C ASN A 587 7.93 20.60 -20.72
N VAL A 588 9.16 20.60 -21.22
CA VAL A 588 10.21 21.43 -20.64
C VAL A 588 10.46 22.71 -21.40
N PRO A 589 10.32 23.88 -20.73
CA PRO A 589 10.53 25.23 -21.27
C PRO A 589 12.02 25.61 -21.40
N TYR A 590 12.47 25.76 -22.64
CA TYR A 590 13.87 26.10 -22.97
C TYR A 590 14.06 27.55 -23.47
N SER A 591 15.24 28.12 -23.20
CA SER A 591 15.57 29.47 -23.67
C SER A 591 16.86 29.37 -24.47
N ILE A 592 16.79 29.65 -25.76
CA ILE A 592 17.96 29.55 -26.62
C ILE A 592 18.88 30.78 -26.63
N ALA A 593 18.84 31.56 -25.55
CA ALA A 593 19.66 32.75 -25.47
C ALA A 593 21.14 32.44 -25.27
N GLY A 594 21.95 32.85 -26.24
CA GLY A 594 23.39 32.63 -26.16
C GLY A 594 23.86 31.28 -26.66
N TRP A 595 22.93 30.38 -26.96
CA TRP A 595 23.26 29.04 -27.43
C TRP A 595 24.34 28.99 -28.52
N LEU A 596 24.52 30.09 -29.24
CA LEU A 596 25.52 30.13 -30.30
C LEU A 596 26.90 30.26 -29.71
N ASP A 597 26.98 30.85 -28.52
CA ASP A 597 28.24 31.05 -27.84
C ASP A 597 28.62 29.85 -26.98
N LYS A 598 27.61 29.16 -26.45
CA LYS A 598 27.84 28.00 -25.60
C LYS A 598 28.22 26.73 -26.37
N ASN A 599 28.13 26.77 -27.69
CA ASN A 599 28.43 25.58 -28.49
C ASN A 599 29.82 25.60 -29.09
N LYS A 600 30.21 26.74 -29.66
CA LYS A 600 31.53 26.87 -30.27
C LYS A 600 32.45 27.53 -29.28
N ASP A 601 33.70 27.07 -29.23
CA ASP A 601 34.65 27.66 -28.30
C ASP A 601 35.65 28.53 -29.04
N PRO A 602 35.57 29.84 -28.82
CA PRO A 602 36.51 30.76 -29.47
C PRO A 602 37.85 30.65 -28.72
N ILE A 603 38.92 30.40 -29.46
CA ILE A 603 40.22 30.28 -28.82
C ILE A 603 41.28 30.77 -29.81
N ASN A 604 42.11 31.71 -29.38
CA ASN A 604 43.16 32.28 -30.21
C ASN A 604 43.93 31.25 -31.03
N GLU A 605 43.60 31.15 -32.33
CA GLU A 605 44.27 30.22 -33.23
C GLU A 605 45.78 30.47 -33.17
N ASN A 606 46.12 31.69 -32.78
CA ASN A 606 47.52 32.11 -32.65
C ASN A 606 48.13 31.56 -31.36
N VAL A 607 47.42 31.76 -30.24
CA VAL A 607 47.92 31.29 -28.94
C VAL A 607 48.13 29.76 -28.93
N VAL A 608 47.26 29.06 -29.64
CA VAL A 608 47.33 27.59 -29.74
C VAL A 608 48.64 27.10 -30.37
N SER A 609 48.95 27.69 -31.51
CA SER A 609 50.17 27.37 -32.22
C SER A 609 51.38 27.55 -31.29
N LEU A 610 51.38 28.62 -30.47
CA LEU A 610 52.47 28.91 -29.54
C LEU A 610 52.63 27.83 -28.46
N LEU A 611 51.50 27.28 -27.98
CA LEU A 611 51.50 26.23 -26.97
C LEU A 611 51.77 24.90 -27.66
N ALA A 612 51.39 24.84 -28.92
CA ALA A 612 51.63 23.65 -29.72
C ALA A 612 53.12 23.37 -29.68
N VAL A 613 53.87 24.44 -29.83
CA VAL A 613 55.33 24.41 -29.85
C VAL A 613 55.92 24.59 -28.44
N SER A 614 55.06 24.51 -27.42
CA SER A 614 55.52 24.66 -26.04
C SER A 614 56.66 23.70 -25.70
N LYS A 615 57.36 23.99 -24.61
CA LYS A 615 58.46 23.13 -24.23
C LYS A 615 58.06 22.03 -23.28
N GLU A 616 57.07 22.27 -22.42
CA GLU A 616 56.64 21.23 -21.49
C GLU A 616 55.80 20.16 -22.20
N PRO A 617 56.31 18.90 -22.24
CA PRO A 617 55.68 17.73 -22.88
C PRO A 617 54.16 17.70 -22.81
N LEU A 618 53.63 17.97 -21.62
CA LEU A 618 52.19 17.95 -21.43
C LEU A 618 51.53 19.02 -22.31
N VAL A 619 51.87 20.26 -22.01
CA VAL A 619 51.33 21.40 -22.75
C VAL A 619 51.37 21.13 -24.25
N ALA A 620 52.53 20.72 -24.75
CA ALA A 620 52.68 20.43 -26.17
C ALA A 620 51.71 19.35 -26.59
N GLU A 621 51.58 18.29 -25.81
CA GLU A 621 50.67 17.23 -26.18
C GLU A 621 49.22 17.67 -26.10
N LEU A 622 48.95 18.64 -25.24
CA LEU A 622 47.60 19.15 -25.07
C LEU A 622 47.13 19.99 -26.23
N PHE A 623 48.08 20.57 -26.96
CA PHE A 623 47.74 21.43 -28.09
C PHE A 623 48.30 21.01 -29.46
N ARG A 624 48.12 19.77 -29.85
CA ARG A 624 48.61 19.35 -31.15
C ARG A 624 47.49 19.17 -32.14
N ALA A 625 47.76 18.47 -33.24
CA ALA A 625 46.73 18.29 -34.22
C ALA A 625 46.44 16.82 -34.53
N PRO A 626 45.42 16.57 -35.37
CA PRO A 626 45.08 15.19 -35.72
C PRO A 626 44.90 14.97 -37.24
N ASP A 627 43.72 14.62 -37.62
CA ASP A 627 43.28 14.37 -38.99
C ASP A 627 41.78 14.53 -39.12
N GLN A 645 35.40 18.14 -33.64
CA GLN A 645 35.62 19.54 -33.35
C GLN A 645 34.67 20.08 -32.27
N THR A 646 33.54 20.69 -32.68
CA THR A 646 32.52 21.29 -31.78
C THR A 646 31.77 20.43 -30.70
N ILE A 647 31.11 21.10 -29.75
CA ILE A 647 30.39 20.43 -28.63
C ILE A 647 29.26 19.45 -28.94
N SER A 648 28.09 20.00 -29.20
CA SER A 648 26.91 19.21 -29.49
C SER A 648 27.26 18.09 -30.43
N ALA A 649 28.21 18.37 -31.30
CA ALA A 649 28.67 17.39 -32.26
C ALA A 649 29.48 16.31 -31.57
N VAL A 650 30.24 16.71 -30.57
CA VAL A 650 31.07 15.78 -29.81
C VAL A 650 30.17 14.79 -29.09
N HIS A 651 29.32 15.36 -28.23
CA HIS A 651 28.41 14.59 -27.40
C HIS A 651 27.53 13.64 -28.16
N ARG A 652 27.02 14.09 -29.30
CA ARG A 652 26.15 13.22 -30.07
C ARG A 652 26.93 12.05 -30.62
N GLU A 653 28.25 12.19 -30.67
CA GLU A 653 29.03 11.09 -31.20
C GLU A 653 29.31 10.08 -30.10
N SER A 654 29.66 10.61 -28.93
CA SER A 654 29.96 9.75 -27.79
C SER A 654 28.70 9.07 -27.27
N LEU A 655 27.54 9.63 -27.58
CA LEU A 655 26.29 9.05 -27.13
C LEU A 655 26.01 7.80 -27.96
N ASN A 656 26.06 7.92 -29.29
CA ASN A 656 25.78 6.78 -30.16
C ASN A 656 26.74 5.65 -29.87
N LYS A 657 27.93 6.01 -29.40
CA LYS A 657 28.93 5.00 -29.05
C LYS A 657 28.39 4.26 -27.83
N LEU A 658 28.12 5.05 -26.79
CA LEU A 658 27.61 4.52 -25.53
C LEU A 658 26.46 3.56 -25.78
N MET A 659 25.50 4.00 -26.58
CA MET A 659 24.33 3.20 -26.88
C MET A 659 24.63 1.89 -27.63
N CYS A 660 25.47 1.93 -28.66
CA CYS A 660 25.80 0.70 -29.40
C CYS A 660 26.20 -0.33 -28.36
N ASN A 661 27.05 0.15 -27.45
CA ASN A 661 27.59 -0.66 -26.38
C ASN A 661 26.56 -1.22 -25.43
N LEU A 662 25.66 -0.37 -24.96
CA LEU A 662 24.62 -0.80 -24.05
C LEU A 662 23.65 -1.79 -24.73
N ARG A 663 23.34 -1.53 -26.00
CA ARG A 663 22.44 -2.36 -26.78
C ARG A 663 23.02 -3.72 -27.02
N ARG A 664 24.21 -3.94 -26.48
CA ARG A 664 24.86 -5.22 -26.65
C ARG A 664 25.20 -5.87 -25.30
N THR A 665 24.31 -5.67 -24.32
CA THR A 665 24.45 -6.20 -22.95
C THR A 665 23.06 -6.51 -22.32
N ASN A 666 23.04 -7.09 -21.10
CA ASN A 666 21.76 -7.36 -20.34
C ASN A 666 21.76 -6.25 -19.29
N PRO A 667 20.84 -5.27 -19.42
CA PRO A 667 20.76 -4.17 -18.45
C PRO A 667 20.35 -4.51 -17.01
N HIS A 668 20.52 -3.54 -16.12
CA HIS A 668 20.21 -3.58 -14.69
C HIS A 668 20.05 -2.11 -14.28
N PHE A 669 18.99 -1.76 -13.56
CA PHE A 669 18.80 -0.34 -13.23
C PHE A 669 18.71 0.03 -11.76
N VAL A 670 19.35 1.13 -11.37
CA VAL A 670 19.27 1.56 -9.99
C VAL A 670 18.80 2.98 -10.02
N ARG A 671 17.73 3.28 -9.31
CA ARG A 671 17.20 4.63 -9.34
C ARG A 671 17.41 5.35 -8.03
N CYS A 672 18.27 6.36 -8.08
CA CYS A 672 18.62 7.13 -6.91
C CYS A 672 17.69 8.29 -6.61
N ILE A 673 17.22 8.34 -5.37
CA ILE A 673 16.29 9.37 -4.94
C ILE A 673 16.73 10.06 -3.68
N ILE A 674 16.74 11.39 -3.78
CA ILE A 674 17.13 12.28 -2.68
C ILE A 674 15.84 12.62 -1.91
N PRO A 675 15.81 12.29 -0.62
CA PRO A 675 14.67 12.54 0.26
C PRO A 675 14.35 13.98 0.64
N ASN A 676 15.34 14.85 0.70
CA ASN A 676 15.03 16.24 1.05
C ASN A 676 16.13 17.19 0.66
N LEU A 677 15.87 18.48 0.80
CA LEU A 677 16.86 19.49 0.47
C LEU A 677 17.59 19.97 1.74
N GLU A 678 17.70 19.10 2.74
CA GLU A 678 18.35 19.42 4.02
C GLU A 678 19.31 18.38 4.57
N LYS A 679 19.60 17.33 3.80
CA LYS A 679 20.52 16.28 4.22
C LYS A 679 20.21 15.66 5.59
N ASP A 680 18.95 15.74 6.03
CA ASP A 680 18.50 15.16 7.32
C ASP A 680 18.02 13.75 7.07
N PRO A 681 18.49 12.78 7.88
CA PRO A 681 18.04 11.40 7.68
C PRO A 681 16.58 11.21 8.14
N GLY A 682 15.88 10.26 7.52
CA GLY A 682 14.50 10.00 7.90
C GLY A 682 13.48 11.05 7.51
N LEU A 683 13.91 12.21 7.04
CA LEU A 683 12.97 13.26 6.65
C LEU A 683 12.52 13.05 5.21
N VAL A 684 11.22 13.06 4.94
CA VAL A 684 10.77 12.86 3.57
C VAL A 684 9.95 14.04 3.06
N ASP A 685 10.22 14.45 1.83
CA ASP A 685 9.54 15.57 1.20
C ASP A 685 8.77 15.05 0.00
N ALA A 686 7.46 14.93 0.16
CA ALA A 686 6.57 14.41 -0.88
C ALA A 686 6.69 14.98 -2.28
N GLU A 687 6.53 16.31 -2.38
CA GLU A 687 6.61 16.97 -3.67
C GLU A 687 7.92 16.63 -4.38
N LEU A 688 9.00 16.49 -3.61
CA LEU A 688 10.33 16.15 -4.15
C LEU A 688 10.39 14.71 -4.68
N VAL A 689 10.08 13.74 -3.82
CA VAL A 689 10.10 12.34 -4.21
C VAL A 689 9.13 12.13 -5.39
N LEU A 690 7.89 12.61 -5.25
CA LEU A 690 6.94 12.47 -6.35
C LEU A 690 7.54 12.97 -7.64
N HIS A 691 8.20 14.13 -7.59
CA HIS A 691 8.80 14.74 -8.78
C HIS A 691 9.82 13.85 -9.44
N GLN A 692 10.68 13.27 -8.62
CA GLN A 692 11.70 12.41 -9.15
C GLN A 692 11.06 11.23 -9.83
N LEU A 693 10.12 10.58 -9.13
CA LEU A 693 9.42 9.40 -9.68
C LEU A 693 8.82 9.66 -11.08
N GLN A 694 8.43 10.91 -11.28
CA GLN A 694 7.85 11.36 -12.53
C GLN A 694 8.87 11.37 -13.66
N CYS A 695 10.11 11.70 -13.33
CA CYS A 695 11.16 11.78 -14.33
C CYS A 695 12.14 10.62 -14.16
N ASN A 696 12.04 9.96 -13.02
CA ASN A 696 12.88 8.83 -12.69
C ASN A 696 12.82 7.70 -13.71
N GLY A 697 11.61 7.21 -13.94
CA GLY A 697 11.42 6.14 -14.89
C GLY A 697 10.56 5.03 -14.28
N VAL A 698 10.32 5.14 -12.98
CA VAL A 698 9.50 4.15 -12.28
C VAL A 698 8.00 4.28 -12.63
N LEU A 699 7.51 5.53 -12.71
CA LEU A 699 6.11 5.77 -13.05
C LEU A 699 5.93 5.41 -14.53
N GLU A 700 6.93 5.78 -15.34
CA GLU A 700 6.95 5.51 -16.77
C GLU A 700 6.96 4.00 -17.06
N GLY A 701 7.58 3.24 -16.16
CA GLY A 701 7.69 1.79 -16.32
C GLY A 701 6.49 1.03 -15.77
N ILE A 702 5.56 1.80 -15.22
CA ILE A 702 4.31 1.28 -14.67
C ILE A 702 3.26 1.46 -15.78
N ARG A 703 3.16 2.69 -16.30
CA ARG A 703 2.25 2.97 -17.39
C ARG A 703 2.59 2.04 -18.57
N ILE A 704 3.88 1.80 -18.76
CA ILE A 704 4.34 0.94 -19.84
C ILE A 704 3.75 -0.48 -19.62
N CYS A 705 3.97 -1.01 -18.42
CA CYS A 705 3.51 -2.36 -18.05
C CYS A 705 2.01 -2.50 -18.00
N ARG A 706 1.33 -1.38 -17.87
CA ARG A 706 -0.12 -1.38 -17.78
C ARG A 706 -0.73 -1.88 -19.07
N LYS A 707 -0.13 -1.46 -20.18
CA LYS A 707 -0.58 -1.83 -21.51
C LYS A 707 -0.79 -3.32 -21.77
N GLY A 708 -0.15 -4.19 -20.98
CA GLY A 708 -0.34 -5.63 -21.13
C GLY A 708 -1.20 -6.17 -20.00
N PHE A 709 -0.76 -7.25 -19.37
CA PHE A 709 -1.50 -7.81 -18.25
C PHE A 709 -0.44 -7.98 -17.17
N PRO A 710 -0.34 -7.00 -16.25
CA PRO A 710 0.57 -6.83 -15.10
C PRO A 710 0.55 -7.86 -14.00
N SER A 711 -0.53 -7.88 -13.24
CA SER A 711 -0.63 -8.85 -12.16
C SER A 711 -0.93 -10.25 -12.71
N ARG A 712 -0.18 -11.23 -12.22
CA ARG A 712 -0.39 -12.60 -12.64
C ARG A 712 -0.36 -13.56 -11.46
N LEU A 713 -0.95 -14.74 -11.64
CA LEU A 713 -1.01 -15.76 -10.60
C LEU A 713 -0.94 -17.09 -11.27
N ILE A 714 -0.45 -18.08 -10.52
CA ILE A 714 -0.34 -19.42 -11.05
C ILE A 714 -1.61 -20.15 -10.68
N TYR A 715 -2.21 -20.80 -11.67
CA TYR A 715 -3.46 -21.52 -11.45
C TYR A 715 -3.65 -22.05 -10.02
N SER A 716 -2.63 -22.72 -9.49
CA SER A 716 -2.67 -23.29 -8.14
C SER A 716 -3.14 -22.32 -7.08
N GLU A 717 -2.62 -21.09 -7.08
CA GLU A 717 -3.06 -20.10 -6.09
C GLU A 717 -4.45 -19.61 -6.43
N PHE A 718 -4.67 -19.27 -7.69
CA PHE A 718 -5.96 -18.74 -8.09
C PHE A 718 -7.09 -19.55 -7.49
N LYS A 719 -7.01 -20.87 -7.66
CA LYS A 719 -8.07 -21.70 -7.12
C LYS A 719 -8.18 -21.55 -5.61
N GLN A 720 -7.08 -21.71 -4.88
CA GLN A 720 -7.18 -21.57 -3.44
C GLN A 720 -7.73 -20.21 -3.03
N ARG A 721 -7.44 -19.18 -3.79
CA ARG A 721 -7.90 -17.84 -3.43
C ARG A 721 -9.30 -17.46 -3.83
N TYR A 722 -9.73 -17.91 -5.00
CA TYR A 722 -11.06 -17.51 -5.44
C TYR A 722 -12.06 -18.62 -5.70
N SER A 723 -11.97 -19.71 -4.95
CA SER A 723 -12.91 -20.81 -5.10
C SER A 723 -14.19 -20.36 -4.41
N ILE A 724 -14.06 -19.54 -3.39
CA ILE A 724 -15.20 -19.08 -2.66
C ILE A 724 -15.94 -18.00 -3.46
N LEU A 725 -15.68 -17.94 -4.77
CA LEU A 725 -16.34 -16.96 -5.64
C LEU A 725 -17.27 -17.64 -6.66
N ALA A 726 -17.25 -18.96 -6.70
CA ALA A 726 -18.13 -19.73 -7.60
C ALA A 726 -18.05 -21.23 -7.24
N PRO A 727 -18.39 -21.58 -5.99
CA PRO A 727 -18.38 -22.94 -5.44
C PRO A 727 -19.36 -23.92 -6.07
N ASN A 728 -20.48 -23.39 -6.57
CA ASN A 728 -21.51 -24.23 -7.18
C ASN A 728 -21.19 -24.57 -8.62
N ALA A 729 -19.94 -24.36 -9.00
CA ALA A 729 -19.51 -24.66 -10.35
C ALA A 729 -18.29 -25.58 -10.30
N ILE A 730 -17.81 -25.88 -9.09
CA ILE A 730 -16.64 -26.73 -8.91
C ILE A 730 -16.98 -28.20 -8.65
N PRO A 731 -16.51 -29.11 -9.53
CA PRO A 731 -16.72 -30.56 -9.45
C PRO A 731 -16.33 -31.22 -8.13
N GLN A 732 -15.08 -31.03 -7.72
CA GLN A 732 -14.53 -31.60 -6.47
C GLN A 732 -14.32 -33.11 -6.62
N ASP A 736 -9.09 -29.62 -11.86
CA ASP A 736 -7.71 -29.71 -12.35
C ASP A 736 -6.85 -28.65 -11.64
N GLY A 737 -6.73 -27.49 -12.25
CA GLY A 737 -5.93 -26.43 -11.69
C GLY A 737 -6.14 -25.22 -12.56
N LYS A 738 -5.99 -25.41 -13.87
CA LYS A 738 -6.24 -24.35 -14.83
C LYS A 738 -7.75 -24.45 -15.11
N THR A 739 -8.24 -25.68 -15.03
CA THR A 739 -9.65 -25.97 -15.25
C THR A 739 -10.55 -25.20 -14.27
N VAL A 740 -10.36 -25.48 -12.98
CA VAL A 740 -11.12 -24.83 -11.92
C VAL A 740 -11.13 -23.33 -12.19
N SER A 741 -9.94 -22.82 -12.48
CA SER A 741 -9.73 -21.42 -12.76
C SER A 741 -10.55 -20.97 -13.97
N GLU A 742 -10.51 -21.75 -15.04
CA GLU A 742 -11.26 -21.38 -16.24
C GLU A 742 -12.73 -21.38 -15.91
N LYS A 743 -13.08 -22.20 -14.92
CA LYS A 743 -14.47 -22.35 -14.49
C LYS A 743 -14.94 -21.20 -13.61
N ILE A 744 -14.03 -20.70 -12.77
CA ILE A 744 -14.36 -19.59 -11.90
C ILE A 744 -14.51 -18.32 -12.73
N LEU A 745 -13.55 -18.13 -13.63
CA LEU A 745 -13.53 -16.97 -14.51
C LEU A 745 -14.73 -16.96 -15.44
N THR A 746 -14.96 -18.06 -16.15
CA THR A 746 -16.12 -18.11 -17.04
C THR A 746 -17.39 -18.00 -16.18
N GLY A 747 -17.31 -18.51 -14.94
CA GLY A 747 -18.42 -18.48 -14.02
C GLY A 747 -18.82 -17.09 -13.57
N LEU A 748 -17.84 -16.22 -13.38
CA LEU A 748 -18.15 -14.87 -12.97
C LEU A 748 -18.44 -13.97 -14.17
N GLN A 749 -18.60 -14.57 -15.35
CA GLN A 749 -18.87 -13.84 -16.59
C GLN A 749 -17.77 -12.78 -16.83
N MET A 750 -16.55 -13.15 -16.49
CA MET A 750 -15.37 -12.29 -16.64
C MET A 750 -15.23 -11.80 -18.08
N ASP A 751 -14.88 -10.52 -18.24
CA ASP A 751 -14.69 -9.90 -19.56
C ASP A 751 -13.42 -10.47 -20.25
N PRO A 752 -13.55 -10.92 -21.51
CA PRO A 752 -12.44 -11.50 -22.29
C PRO A 752 -11.12 -10.72 -22.27
N SER A 753 -11.24 -9.41 -22.44
CA SER A 753 -10.07 -8.55 -22.44
C SER A 753 -9.42 -8.58 -21.07
N GLU A 754 -10.20 -8.34 -20.03
CA GLU A 754 -9.69 -8.32 -18.68
C GLU A 754 -8.63 -9.37 -18.35
N TYR A 755 -8.66 -10.52 -18.99
CA TYR A 755 -7.68 -11.57 -18.67
C TYR A 755 -7.19 -12.36 -19.86
N ARG A 756 -6.28 -13.30 -19.58
CA ARG A 756 -5.70 -14.20 -20.57
C ARG A 756 -5.26 -15.43 -19.82
N LEU A 757 -5.20 -16.56 -20.51
CA LEU A 757 -4.85 -17.81 -19.84
C LEU A 757 -3.54 -18.45 -20.29
N GLY A 758 -2.54 -18.38 -19.42
CA GLY A 758 -1.23 -18.94 -19.72
C GLY A 758 -1.21 -20.43 -19.49
N THR A 759 -0.07 -21.06 -19.73
CA THR A 759 0.01 -22.50 -19.54
C THR A 759 0.46 -22.87 -18.12
N THR A 760 0.80 -21.86 -17.31
CA THR A 760 1.22 -22.10 -15.92
C THR A 760 0.62 -21.08 -14.96
N LYS A 761 0.29 -19.92 -15.48
CA LYS A 761 -0.32 -18.88 -14.66
C LYS A 761 -1.35 -18.14 -15.49
N VAL A 762 -2.13 -17.31 -14.82
CA VAL A 762 -3.20 -16.57 -15.47
C VAL A 762 -2.93 -15.06 -15.46
N PHE A 763 -3.06 -14.45 -16.64
CA PHE A 763 -2.78 -13.03 -16.81
C PHE A 763 -3.98 -12.10 -16.73
N PHE A 764 -3.84 -11.06 -15.89
CA PHE A 764 -4.87 -10.05 -15.65
C PHE A 764 -4.42 -8.61 -15.92
N LYS A 765 -5.40 -7.79 -16.29
CA LYS A 765 -5.17 -6.38 -16.53
C LYS A 765 -4.94 -5.73 -15.17
N ALA A 766 -4.55 -4.46 -15.17
CA ALA A 766 -4.29 -3.78 -13.89
C ALA A 766 -5.58 -3.35 -13.18
N GLY A 767 -5.72 -3.79 -11.93
CA GLY A 767 -6.89 -3.45 -11.14
C GLY A 767 -7.98 -4.53 -11.08
N VAL A 768 -7.87 -5.53 -11.98
CA VAL A 768 -8.83 -6.62 -12.04
C VAL A 768 -8.85 -7.32 -10.70
N LEU A 769 -7.71 -7.90 -10.33
CA LEU A 769 -7.58 -8.63 -9.06
C LEU A 769 -8.01 -7.82 -7.83
N GLY A 770 -8.10 -6.50 -7.99
CA GLY A 770 -8.53 -5.68 -6.88
C GLY A 770 -10.00 -5.91 -6.69
N ASN A 771 -10.72 -5.99 -7.80
CA ASN A 771 -12.16 -6.24 -7.78
C ASN A 771 -12.40 -7.64 -7.24
N LEU A 772 -11.79 -8.65 -7.87
CA LEU A 772 -11.94 -10.02 -7.39
C LEU A 772 -11.67 -10.07 -5.89
N GLU A 773 -10.99 -9.06 -5.37
CA GLU A 773 -10.66 -8.99 -3.96
C GLU A 773 -11.77 -8.48 -3.10
N GLU A 774 -12.50 -7.48 -3.55
CA GLU A 774 -13.61 -7.00 -2.77
C GLU A 774 -14.71 -8.02 -2.86
N MET A 775 -14.94 -8.53 -4.08
CA MET A 775 -15.93 -9.56 -4.33
C MET A 775 -15.73 -10.71 -3.37
N ARG A 776 -14.48 -10.99 -3.04
CA ARG A 776 -14.22 -12.05 -2.13
C ARG A 776 -14.45 -11.64 -0.70
N ASP A 777 -14.47 -10.34 -0.40
CA ASP A 777 -14.72 -9.98 1.00
C ASP A 777 -16.19 -10.09 1.40
N GLU A 778 -17.08 -9.64 0.52
CA GLU A 778 -18.51 -9.67 0.80
C GLU A 778 -18.98 -11.12 0.83
N ARG A 779 -18.54 -11.90 -0.15
CA ARG A 779 -18.94 -13.30 -0.22
C ARG A 779 -18.50 -14.18 0.93
N LEU A 780 -17.33 -13.91 1.51
CA LEU A 780 -16.92 -14.74 2.64
C LEU A 780 -17.82 -14.26 3.78
N SER A 781 -18.00 -12.95 3.83
CA SER A 781 -18.82 -12.34 4.87
C SER A 781 -20.22 -12.95 4.94
N LYS A 782 -20.97 -12.89 3.83
CA LYS A 782 -22.33 -13.46 3.82
C LYS A 782 -22.39 -14.97 4.04
N ILE A 783 -21.54 -15.74 3.36
CA ILE A 783 -21.54 -17.16 3.60
C ILE A 783 -21.45 -17.39 5.11
N ILE A 784 -20.52 -16.71 5.78
CA ILE A 784 -20.40 -16.91 7.21
C ILE A 784 -21.72 -16.52 7.85
N SER A 785 -22.18 -15.30 7.61
CA SER A 785 -23.44 -14.87 8.18
C SER A 785 -24.49 -15.96 7.95
N MET A 786 -24.49 -16.52 6.74
CA MET A 786 -25.45 -17.55 6.40
C MET A 786 -25.35 -18.82 7.23
N PHE A 787 -24.14 -19.23 7.55
CA PHE A 787 -23.97 -20.44 8.37
C PHE A 787 -24.42 -20.17 9.80
N GLN A 788 -24.29 -18.91 10.21
CA GLN A 788 -24.69 -18.47 11.54
C GLN A 788 -26.20 -18.51 11.58
N ALA A 789 -26.81 -18.17 10.43
CA ALA A 789 -28.25 -18.13 10.30
C ALA A 789 -28.86 -19.54 10.32
N HIS A 790 -28.09 -20.52 9.87
CA HIS A 790 -28.51 -21.93 9.83
C HIS A 790 -28.49 -22.49 11.26
N ILE A 791 -27.53 -22.01 12.05
CA ILE A 791 -27.33 -22.44 13.43
C ILE A 791 -28.45 -21.84 14.27
N ARG A 792 -28.79 -20.58 14.02
CA ARG A 792 -29.85 -19.96 14.80
C ARG A 792 -31.14 -20.74 14.59
N GLY A 793 -31.39 -21.14 13.35
CA GLY A 793 -32.60 -21.89 13.08
C GLY A 793 -32.57 -23.26 13.77
N TYR A 794 -31.42 -23.94 13.71
CA TYR A 794 -31.30 -25.25 14.35
C TYR A 794 -31.60 -25.15 15.84
N LEU A 795 -31.24 -24.03 16.47
CA LEU A 795 -31.48 -23.87 17.90
C LEU A 795 -32.96 -23.73 18.23
N ILE A 796 -33.65 -22.86 17.50
CA ILE A 796 -35.06 -22.65 17.74
C ILE A 796 -35.93 -23.84 17.36
N ARG A 797 -35.47 -24.59 16.36
CA ARG A 797 -36.23 -25.76 15.91
C ARG A 797 -36.16 -26.86 16.95
N LYS A 798 -35.03 -26.94 17.63
CA LYS A 798 -34.87 -27.95 18.68
C LYS A 798 -35.74 -27.60 19.87
N ALA A 799 -35.65 -26.34 20.30
CA ALA A 799 -36.42 -25.88 21.44
C ALA A 799 -37.90 -25.95 21.20
N TYR A 800 -38.30 -25.78 19.94
CA TYR A 800 -39.71 -25.78 19.55
C TYR A 800 -40.67 -26.69 20.27
N LYS A 801 -40.21 -27.88 20.65
CA LYS A 801 -41.05 -28.87 21.33
C LYS A 801 -41.32 -28.53 22.80
N LYS A 802 -40.30 -28.02 23.47
CA LYS A 802 -40.38 -27.62 24.88
C LYS A 802 -41.36 -26.45 24.96
N LEU A 803 -41.23 -25.50 24.03
CA LEU A 803 -42.13 -24.38 24.04
C LEU A 803 -43.56 -24.85 23.92
N GLN A 804 -43.80 -25.85 23.09
CA GLN A 804 -45.15 -26.33 22.93
C GLN A 804 -45.67 -26.91 24.21
N ASP A 805 -44.88 -27.76 24.85
CA ASP A 805 -45.31 -28.36 26.10
C ASP A 805 -45.41 -27.31 27.20
N GLN A 806 -44.34 -26.54 27.42
CA GLN A 806 -44.37 -25.52 28.45
C GLN A 806 -45.60 -24.59 28.37
N ARG A 807 -46.25 -24.51 27.22
CA ARG A 807 -47.41 -23.65 27.08
C ARG A 807 -48.60 -24.27 27.80
N ILE A 808 -48.77 -25.57 27.62
CA ILE A 808 -49.89 -26.24 28.26
C ILE A 808 -49.70 -26.23 29.77
N GLY A 809 -48.43 -26.27 30.18
CA GLY A 809 -48.07 -26.27 31.61
C GLY A 809 -48.28 -24.93 32.31
N LEU A 810 -47.94 -23.83 31.64
CA LEU A 810 -48.13 -22.52 32.23
C LEU A 810 -49.62 -22.29 32.11
N SER A 811 -50.20 -22.87 31.06
CA SER A 811 -51.62 -22.73 30.85
C SER A 811 -52.32 -23.28 32.08
N VAL A 812 -51.94 -24.50 32.43
CA VAL A 812 -52.47 -25.18 33.60
C VAL A 812 -52.37 -24.31 34.87
N ILE A 813 -51.14 -23.98 35.27
CA ILE A 813 -50.85 -23.16 36.46
C ILE A 813 -51.72 -21.90 36.53
N GLN A 814 -51.74 -21.12 35.44
CA GLN A 814 -52.56 -19.92 35.45
C GLN A 814 -54.05 -20.28 35.67
N ARG A 815 -54.53 -21.29 34.95
CA ARG A 815 -55.92 -21.73 35.09
C ARG A 815 -56.29 -22.06 36.56
N ASN A 816 -55.52 -22.96 37.14
CA ASN A 816 -55.69 -23.44 38.51
C ASN A 816 -55.48 -22.44 39.63
N ILE A 817 -54.42 -21.64 39.57
CA ILE A 817 -54.17 -20.69 40.64
C ILE A 817 -55.30 -19.70 40.67
N ARG A 818 -55.87 -19.43 39.50
CA ARG A 818 -56.99 -18.51 39.41
C ARG A 818 -58.25 -19.15 40.02
N LYS A 819 -58.36 -20.46 39.97
CA LYS A 819 -59.51 -21.11 40.55
C LYS A 819 -59.43 -20.95 42.05
N TRP A 820 -58.41 -21.51 42.66
CA TRP A 820 -58.22 -21.40 44.11
C TRP A 820 -58.32 -19.93 44.56
N LEU A 821 -58.16 -19.00 43.62
CA LEU A 821 -58.25 -17.58 43.95
C LEU A 821 -59.72 -17.16 43.84
N VAL A 822 -60.47 -17.96 43.10
CA VAL A 822 -61.89 -17.76 42.91
C VAL A 822 -62.55 -18.54 44.05
N LEU A 823 -62.52 -19.89 43.94
CA LEU A 823 -63.08 -20.80 44.94
C LEU A 823 -63.05 -20.31 46.38
N ARG A 824 -61.88 -19.93 46.87
CA ARG A 824 -61.77 -19.47 48.23
C ARG A 824 -62.43 -18.12 48.54
N ASN A 825 -63.26 -17.67 47.60
CA ASN A 825 -63.98 -16.41 47.78
C ASN A 825 -65.45 -16.64 47.40
N TRP A 826 -65.75 -17.83 46.90
CA TRP A 826 -67.12 -18.14 46.55
C TRP A 826 -67.83 -18.33 47.85
N GLN A 827 -68.69 -17.37 48.19
CA GLN A 827 -69.43 -17.44 49.43
C GLN A 827 -69.99 -18.85 49.67
N TRP A 828 -70.27 -19.59 48.59
CA TRP A 828 -70.78 -20.97 48.67
C TRP A 828 -69.69 -21.84 49.30
N TRP A 829 -68.65 -22.15 48.52
CA TRP A 829 -67.52 -22.98 48.97
C TRP A 829 -66.96 -22.62 50.35
N LYS A 830 -66.70 -21.32 50.57
CA LYS A 830 -66.15 -20.86 51.84
C LYS A 830 -67.04 -21.35 52.97
N LEU A 831 -68.32 -21.53 52.65
CA LEU A 831 -69.27 -22.00 53.62
C LEU A 831 -69.51 -23.52 53.50
N TYR A 832 -69.45 -24.08 52.29
CA TYR A 832 -69.68 -25.51 52.10
C TYR A 832 -68.74 -26.40 52.92
N ALA A 833 -67.45 -26.08 52.89
CA ALA A 833 -66.45 -26.86 53.63
C ALA A 833 -66.57 -26.60 55.14
N LYS A 834 -67.65 -25.96 55.54
CA LYS A 834 -67.90 -25.68 56.95
C LYS A 834 -69.01 -26.62 57.42
N VAL A 835 -69.33 -27.62 56.61
CA VAL A 835 -70.37 -28.62 56.93
C VAL A 835 -69.78 -30.03 56.97
N LYS A 836 -68.49 -30.13 56.67
CA LYS A 836 -67.80 -31.41 56.66
C LYS A 836 -66.91 -31.66 57.88
N PRO A 837 -66.90 -30.75 58.87
CA PRO A 837 -66.10 -30.92 60.08
C PRO A 837 -66.71 -31.94 61.02
N LEU A 838 -67.57 -32.81 60.47
CA LEU A 838 -68.20 -33.84 61.30
C LEU A 838 -67.08 -34.89 61.56
N PRO B 14 -67.08 -38.36 39.19
CA PRO B 14 -65.98 -38.45 40.14
C PRO B 14 -66.42 -39.34 41.27
N GLN B 15 -65.60 -40.36 41.57
CA GLN B 15 -65.89 -41.35 42.60
C GLN B 15 -66.39 -41.06 43.99
N LYS B 16 -65.44 -40.89 44.90
CA LYS B 16 -65.81 -40.60 46.26
C LYS B 16 -66.38 -39.19 46.14
N GLN B 17 -65.98 -38.49 45.08
CA GLN B 17 -66.44 -37.12 44.83
C GLN B 17 -67.98 -37.11 44.83
N ILE B 18 -68.60 -37.64 43.77
CA ILE B 18 -70.06 -37.67 43.67
C ILE B 18 -70.64 -38.22 44.95
N GLN B 19 -70.30 -39.45 45.27
CA GLN B 19 -70.77 -40.11 46.48
C GLN B 19 -70.96 -39.04 47.57
N GLU B 20 -69.85 -38.40 47.94
CA GLU B 20 -69.85 -37.37 48.98
C GLU B 20 -70.98 -36.35 48.83
N MET B 21 -71.23 -35.87 47.60
CA MET B 21 -72.28 -34.89 47.35
C MET B 21 -73.57 -35.25 48.06
N LYS B 22 -73.98 -36.51 47.93
CA LYS B 22 -75.19 -36.97 48.61
C LYS B 22 -75.12 -36.63 50.08
N GLU B 23 -73.96 -36.88 50.67
CA GLU B 23 -73.71 -36.60 52.09
C GLU B 23 -73.82 -35.11 52.37
N ALA B 24 -73.20 -34.29 51.53
CA ALA B 24 -73.24 -32.85 51.71
C ALA B 24 -74.65 -32.36 51.42
N PHE B 25 -75.22 -32.89 50.35
CA PHE B 25 -76.55 -32.54 49.93
C PHE B 25 -77.55 -32.56 51.08
N THR B 26 -77.57 -33.68 51.79
CA THR B 26 -78.49 -33.86 52.90
C THR B 26 -78.27 -32.91 54.06
N MET B 27 -77.01 -32.60 54.36
CA MET B 27 -76.76 -31.65 55.44
C MET B 27 -77.30 -30.33 54.90
N ILE B 28 -76.98 -30.03 53.65
CA ILE B 28 -77.41 -28.80 52.99
C ILE B 28 -78.95 -28.63 53.06
N ASP B 29 -79.60 -29.42 53.90
CA ASP B 29 -81.05 -29.38 54.03
C ASP B 29 -81.55 -29.88 55.40
N GLN B 30 -81.91 -28.95 56.29
CA GLN B 30 -82.39 -29.30 57.64
C GLN B 30 -83.82 -29.84 57.72
N ASN B 31 -84.62 -29.61 56.68
CA ASN B 31 -86.00 -30.07 56.67
C ASN B 31 -86.16 -31.42 55.98
N ARG B 32 -85.20 -31.76 55.13
CA ARG B 32 -85.21 -33.01 54.39
C ARG B 32 -86.23 -32.94 53.26
N ASP B 33 -86.92 -31.80 53.14
CA ASP B 33 -87.92 -31.61 52.07
C ASP B 33 -87.26 -32.03 50.76
N GLY B 34 -86.03 -32.51 50.86
CA GLY B 34 -85.27 -32.99 49.72
C GLY B 34 -84.76 -31.89 48.83
N PHE B 35 -84.77 -30.67 49.35
CA PHE B 35 -84.34 -29.53 48.57
C PHE B 35 -83.80 -28.48 49.51
N ILE B 36 -82.96 -27.60 48.99
CA ILE B 36 -82.38 -26.57 49.83
C ILE B 36 -83.11 -25.26 49.69
N ASP B 37 -84.05 -24.93 50.57
CA ASP B 37 -84.68 -23.64 50.38
C ASP B 37 -83.98 -22.55 51.13
N ILE B 38 -84.49 -21.35 50.94
CA ILE B 38 -83.96 -20.18 51.58
C ILE B 38 -83.61 -20.59 53.02
N ASN B 39 -84.57 -21.19 53.74
CA ASN B 39 -84.36 -21.59 55.14
C ASN B 39 -83.22 -22.57 55.37
N ASP B 40 -83.35 -23.78 54.81
CA ASP B 40 -82.39 -24.86 55.05
C ASP B 40 -80.93 -24.37 55.09
N LEU B 41 -80.51 -23.62 54.08
CA LEU B 41 -79.21 -23.00 54.07
C LEU B 41 -79.23 -21.94 55.14
N LYS B 42 -80.28 -21.16 55.13
CA LYS B 42 -80.42 -20.04 56.05
C LYS B 42 -80.34 -20.38 57.54
N GLU B 43 -80.67 -21.63 57.88
CA GLU B 43 -80.71 -22.05 59.27
C GLU B 43 -79.59 -23.03 59.68
N MET B 44 -78.74 -23.42 58.72
CA MET B 44 -77.54 -24.18 59.02
C MET B 44 -76.53 -23.11 59.26
N PHE B 45 -76.03 -22.52 58.17
CA PHE B 45 -75.13 -21.40 58.24
C PHE B 45 -75.12 -20.73 59.61
N SER B 46 -76.33 -20.36 60.03
CA SER B 46 -76.53 -19.73 61.36
C SER B 46 -75.94 -20.60 62.44
N SER B 47 -76.38 -21.85 62.48
CA SER B 47 -75.83 -22.84 63.41
C SER B 47 -74.31 -22.68 63.42
N LEU B 48 -73.82 -21.71 62.65
CA LEU B 48 -72.40 -21.32 62.61
C LEU B 48 -72.19 -19.78 62.77
N GLY B 49 -72.03 -19.00 61.70
CA GLY B 49 -71.81 -17.55 61.87
C GLY B 49 -72.61 -16.49 61.11
N ARG B 50 -72.18 -15.22 61.18
CA ARG B 50 -72.87 -14.10 60.51
C ARG B 50 -73.73 -14.52 59.33
N THR B 51 -74.93 -15.01 59.61
CA THR B 51 -75.83 -15.40 58.52
C THR B 51 -75.81 -14.19 57.61
N PRO B 52 -75.44 -14.40 56.34
CA PRO B 52 -75.34 -13.34 55.33
C PRO B 52 -76.39 -12.26 55.32
N ASP B 53 -76.16 -11.32 54.42
CA ASP B 53 -77.08 -10.23 54.25
C ASP B 53 -77.91 -10.55 53.03
N ASP B 54 -79.19 -10.23 53.11
CA ASP B 54 -80.13 -10.47 52.04
C ASP B 54 -79.45 -10.64 50.69
N LYS B 55 -78.72 -9.62 50.26
CA LYS B 55 -78.02 -9.66 48.98
C LYS B 55 -77.29 -10.98 48.71
N GLU B 56 -76.56 -11.47 49.70
CA GLU B 56 -75.81 -12.72 49.59
C GLU B 56 -76.66 -13.98 49.38
N LEU B 57 -77.62 -14.21 50.26
CA LEU B 57 -78.47 -15.40 50.18
C LEU B 57 -79.18 -15.62 48.85
N THR B 58 -79.85 -14.60 48.36
CA THR B 58 -80.55 -14.75 47.10
C THR B 58 -79.44 -14.95 46.07
N ALA B 59 -78.53 -13.98 45.96
CA ALA B 59 -77.41 -14.08 45.02
C ALA B 59 -77.01 -15.55 44.93
N MET B 60 -76.82 -16.16 46.10
CA MET B 60 -76.43 -17.56 46.17
C MET B 60 -77.47 -18.47 45.53
N LEU B 61 -78.61 -18.63 46.18
CA LEU B 61 -79.71 -19.47 45.69
C LEU B 61 -80.09 -19.16 44.28
N LYS B 62 -80.05 -17.89 43.94
CA LYS B 62 -80.44 -17.51 42.61
C LYS B 62 -79.56 -18.12 41.54
N GLU B 63 -78.30 -18.40 41.86
CA GLU B 63 -77.40 -19.03 40.90
C GLU B 63 -78.12 -20.22 40.28
N ALA B 64 -79.23 -20.61 40.89
CA ALA B 64 -80.05 -21.73 40.43
C ALA B 64 -81.36 -21.25 39.83
N PRO B 65 -81.58 -21.51 38.53
CA PRO B 65 -82.79 -21.11 37.80
C PRO B 65 -84.01 -21.44 38.64
N GLY B 66 -84.05 -22.67 39.11
CA GLY B 66 -85.17 -23.09 39.93
C GLY B 66 -84.69 -23.92 41.11
N PRO B 67 -85.64 -24.45 41.89
CA PRO B 67 -85.46 -25.28 43.08
C PRO B 67 -84.32 -26.25 42.95
N LEU B 68 -83.63 -26.39 44.06
CA LEU B 68 -82.49 -27.25 44.09
C LEU B 68 -82.75 -28.73 44.11
N ASN B 69 -82.81 -29.30 42.90
CA ASN B 69 -82.96 -30.74 42.80
C ASN B 69 -81.50 -31.12 42.70
N PHE B 70 -80.98 -31.82 43.69
CA PHE B 70 -79.59 -32.23 43.68
C PHE B 70 -78.88 -32.02 42.35
N THR B 71 -79.44 -32.65 41.33
CA THR B 71 -78.92 -32.56 39.98
C THR B 71 -78.54 -31.10 39.67
N MET B 72 -79.19 -30.15 40.33
CA MET B 72 -78.89 -28.73 40.15
C MET B 72 -77.72 -28.32 41.05
N PHE B 73 -77.61 -28.94 42.23
CA PHE B 73 -76.51 -28.64 43.17
C PHE B 73 -75.23 -28.97 42.42
N LEU B 74 -75.14 -30.25 42.08
CA LEU B 74 -74.04 -30.86 41.36
C LEU B 74 -73.58 -30.12 40.12
N SER B 75 -74.54 -29.89 39.24
CA SER B 75 -74.27 -29.20 38.00
C SER B 75 -73.64 -27.84 38.25
N ILE B 76 -74.07 -27.14 39.31
CA ILE B 76 -73.51 -25.82 39.61
C ILE B 76 -72.13 -25.94 40.24
N PHE B 77 -71.98 -26.86 41.19
CA PHE B 77 -70.71 -27.06 41.86
C PHE B 77 -69.67 -27.65 40.92
N SER B 78 -70.03 -28.71 40.19
CA SER B 78 -69.09 -29.32 39.26
C SER B 78 -68.83 -28.32 38.13
N ASP B 79 -69.81 -27.48 37.83
CA ASP B 79 -69.68 -26.46 36.78
C ASP B 79 -68.62 -25.44 37.17
N LYS B 80 -68.49 -25.20 38.47
CA LYS B 80 -67.51 -24.24 38.97
C LYS B 80 -66.12 -24.86 38.94
N LEU B 81 -65.94 -25.97 39.65
CA LEU B 81 -64.65 -26.65 39.66
C LEU B 81 -64.33 -27.02 38.21
N SER B 82 -65.33 -27.56 37.51
CA SER B 82 -65.19 -27.99 36.11
C SER B 82 -64.19 -27.14 35.35
N GLY B 83 -62.93 -27.58 35.40
CA GLY B 83 -61.87 -26.87 34.74
C GLY B 83 -60.60 -27.00 35.58
N THR B 84 -60.75 -27.65 36.72
CA THR B 84 -59.65 -27.86 37.63
C THR B 84 -58.86 -29.09 37.22
N ASP B 85 -57.76 -29.36 37.91
CA ASP B 85 -56.93 -30.51 37.63
C ASP B 85 -56.46 -31.12 38.94
N SER B 86 -55.80 -32.28 38.87
CA SER B 86 -55.33 -32.96 40.07
C SER B 86 -54.07 -32.39 40.69
N GLU B 87 -53.62 -32.99 41.79
CA GLU B 87 -52.43 -32.52 42.48
C GLU B 87 -51.19 -32.88 41.70
N GLU B 88 -51.06 -34.17 41.39
CA GLU B 88 -49.92 -34.69 40.64
C GLU B 88 -49.78 -33.97 39.31
N THR B 89 -50.90 -33.48 38.79
CA THR B 89 -50.90 -32.75 37.54
C THR B 89 -50.29 -31.37 37.76
N ILE B 90 -51.03 -30.49 38.42
CA ILE B 90 -50.55 -29.15 38.68
C ILE B 90 -49.10 -29.11 39.15
N ARG B 91 -48.65 -30.10 39.91
CA ARG B 91 -47.25 -30.10 40.37
C ARG B 91 -46.31 -30.61 39.29
N ASN B 92 -46.85 -31.23 38.24
CA ASN B 92 -46.06 -31.70 37.12
C ASN B 92 -45.84 -30.53 36.17
N ALA B 93 -46.86 -29.67 36.07
CA ALA B 93 -46.82 -28.47 35.23
C ALA B 93 -45.68 -27.62 35.74
N PHE B 94 -45.66 -27.41 37.04
CA PHE B 94 -44.61 -26.64 37.64
C PHE B 94 -43.29 -27.36 37.33
N GLY B 95 -43.31 -28.68 37.39
CA GLY B 95 -42.10 -29.44 37.13
C GLY B 95 -41.57 -29.41 35.71
N MET B 96 -42.21 -28.65 34.83
CA MET B 96 -41.78 -28.54 33.44
C MET B 96 -40.84 -27.35 33.32
N PHE B 97 -40.65 -26.63 34.43
CA PHE B 97 -39.77 -25.47 34.46
C PHE B 97 -38.62 -25.66 35.43
N ASP B 98 -38.47 -26.87 35.89
CA ASP B 98 -37.36 -27.24 36.73
C ASP B 98 -36.92 -28.55 36.15
N GLU B 99 -36.23 -28.35 35.06
CA GLU B 99 -35.61 -29.32 34.21
C GLU B 99 -34.64 -30.12 35.07
N LEU B 100 -34.17 -29.52 36.15
CA LEU B 100 -33.28 -30.29 36.96
C LEU B 100 -33.95 -31.17 37.99
N ASP B 101 -35.22 -30.90 38.26
CA ASP B 101 -35.95 -31.72 39.23
C ASP B 101 -35.57 -31.35 40.64
N THR B 102 -35.19 -30.07 40.82
CA THR B 102 -34.83 -29.59 42.14
C THR B 102 -36.05 -29.41 43.09
N LYS B 103 -37.28 -29.50 42.60
CA LYS B 103 -38.45 -29.38 43.47
C LYS B 103 -38.74 -27.95 43.89
N LYS B 104 -38.05 -27.00 43.26
CA LYS B 104 -38.24 -25.57 43.53
C LYS B 104 -37.94 -24.71 42.33
N LEU B 105 -38.59 -23.54 42.23
CA LEU B 105 -38.33 -22.63 41.13
C LEU B 105 -37.75 -21.32 41.72
N ASN B 106 -37.09 -20.52 40.89
CA ASN B 106 -36.55 -19.27 41.36
C ASN B 106 -37.69 -18.28 41.41
N ILE B 107 -37.83 -17.59 42.53
CA ILE B 107 -38.91 -16.62 42.72
C ILE B 107 -39.16 -15.63 41.56
N GLU B 108 -38.12 -14.94 41.13
CA GLU B 108 -38.27 -13.99 40.03
C GLU B 108 -38.71 -14.67 38.73
N TYR B 109 -38.26 -15.91 38.53
CA TYR B 109 -38.59 -16.64 37.32
C TYR B 109 -40.09 -16.88 37.19
N ILE B 110 -40.67 -17.45 38.26
CA ILE B 110 -42.10 -17.77 38.33
C ILE B 110 -42.95 -16.50 38.42
N LYS B 111 -42.38 -15.42 38.96
CA LYS B 111 -43.12 -14.15 39.06
C LYS B 111 -43.22 -13.44 37.69
N ASP B 112 -42.35 -13.83 36.77
CA ASP B 112 -42.29 -13.28 35.43
C ASP B 112 -43.10 -14.18 34.51
N LEU B 113 -43.03 -15.48 34.74
CA LEU B 113 -43.77 -16.45 33.96
C LEU B 113 -45.23 -16.16 34.12
N LEU B 114 -45.63 -15.82 35.35
CA LEU B 114 -47.02 -15.55 35.71
C LEU B 114 -47.53 -14.20 35.30
N GLU B 115 -46.68 -13.18 35.42
CA GLU B 115 -47.09 -11.82 35.08
C GLU B 115 -46.94 -11.29 33.62
N ASN B 116 -46.03 -11.84 32.82
CA ASN B 116 -45.86 -11.31 31.47
C ASN B 116 -46.02 -12.29 30.34
N MET B 117 -46.38 -13.52 30.63
CA MET B 117 -46.54 -14.51 29.55
C MET B 117 -47.82 -15.29 29.79
N GLY B 118 -48.31 -15.99 28.78
CA GLY B 118 -49.54 -16.75 28.91
C GLY B 118 -50.69 -15.75 29.09
N ASP B 119 -51.60 -16.02 30.02
CA ASP B 119 -52.68 -15.08 30.26
C ASP B 119 -52.34 -14.26 31.48
N ASN B 120 -51.49 -13.26 31.23
CA ASN B 120 -50.94 -12.33 32.22
C ASN B 120 -51.80 -12.00 33.42
N PHE B 121 -51.21 -12.15 34.59
CA PHE B 121 -51.85 -11.82 35.86
C PHE B 121 -51.69 -10.30 35.96
N ASN B 122 -52.48 -9.65 36.80
CA ASN B 122 -52.37 -8.23 36.99
C ASN B 122 -51.90 -7.98 38.42
N LYS B 123 -51.49 -6.75 38.72
CA LYS B 123 -50.95 -6.40 40.03
C LYS B 123 -51.80 -6.93 41.19
N ASP B 124 -53.05 -7.29 40.92
CA ASP B 124 -53.94 -7.83 41.95
C ASP B 124 -53.78 -9.34 42.13
N GLU B 125 -54.01 -10.07 41.05
CA GLU B 125 -53.88 -11.53 41.06
C GLU B 125 -52.50 -11.89 41.53
N MET B 126 -51.55 -11.01 41.26
CA MET B 126 -50.17 -11.20 41.67
C MET B 126 -50.03 -11.09 43.21
N ARG B 127 -50.49 -9.96 43.76
CA ARG B 127 -50.40 -9.74 45.21
C ARG B 127 -51.08 -10.85 45.97
N MET B 128 -52.26 -11.22 45.49
CA MET B 128 -53.05 -12.27 46.10
C MET B 128 -52.30 -13.61 46.09
N THR B 129 -51.66 -13.95 44.97
CA THR B 129 -50.94 -15.23 44.83
C THR B 129 -49.70 -15.40 45.72
N PHE B 130 -48.88 -14.34 45.85
CA PHE B 130 -47.65 -14.44 46.64
C PHE B 130 -47.71 -13.99 48.10
N LYS B 131 -48.88 -13.56 48.55
CA LYS B 131 -49.01 -13.13 49.93
C LYS B 131 -48.67 -14.27 50.88
N GLU B 132 -49.18 -15.45 50.58
CA GLU B 132 -48.95 -16.62 51.42
C GLU B 132 -48.06 -17.68 50.73
N ALA B 133 -47.30 -17.25 49.73
CA ALA B 133 -46.42 -18.15 49.00
C ALA B 133 -45.27 -18.64 49.86
N PRO B 134 -44.99 -19.95 49.85
CA PRO B 134 -43.90 -20.51 50.64
C PRO B 134 -42.61 -20.25 49.88
N VAL B 135 -41.86 -19.22 50.30
CA VAL B 135 -40.62 -18.84 49.62
C VAL B 135 -39.44 -18.66 50.54
N GLU B 136 -38.55 -19.64 50.57
CA GLU B 136 -37.35 -19.58 51.41
C GLU B 136 -36.15 -19.29 50.51
N GLY B 137 -35.19 -18.51 51.02
CA GLY B 137 -34.00 -18.18 50.25
C GLY B 137 -34.07 -17.91 48.75
N GLY B 138 -35.16 -17.29 48.27
CA GLY B 138 -35.26 -17.01 46.84
C GLY B 138 -35.86 -18.10 45.96
N LYS B 139 -36.10 -19.23 46.60
CA LYS B 139 -36.66 -20.45 45.99
C LYS B 139 -38.15 -20.66 46.30
N PHE B 140 -38.97 -20.69 45.27
CA PHE B 140 -40.42 -20.88 45.42
C PHE B 140 -40.71 -22.37 45.40
N ASP B 141 -41.10 -22.92 46.55
CA ASP B 141 -41.39 -24.34 46.64
C ASP B 141 -42.70 -24.63 45.98
N TYR B 142 -42.67 -25.02 44.71
CA TYR B 142 -43.92 -25.29 44.06
C TYR B 142 -44.66 -26.52 44.63
N VAL B 143 -43.94 -27.51 45.19
CA VAL B 143 -44.63 -28.70 45.73
C VAL B 143 -45.61 -28.33 46.86
N ARG B 144 -45.15 -27.55 47.83
CA ARG B 144 -46.04 -27.12 48.92
C ARG B 144 -47.18 -26.35 48.30
N PHE B 145 -46.86 -25.18 47.77
CA PHE B 145 -47.84 -24.32 47.15
C PHE B 145 -48.97 -25.12 46.53
N VAL B 146 -48.65 -26.26 45.94
CA VAL B 146 -49.68 -27.09 45.32
C VAL B 146 -50.59 -27.68 46.39
N ALA B 147 -50.00 -28.11 47.50
CA ALA B 147 -50.76 -28.66 48.62
C ALA B 147 -51.60 -27.54 49.25
N MET B 148 -51.07 -26.33 49.20
CA MET B 148 -51.76 -25.19 49.78
C MET B 148 -53.03 -24.87 49.00
N ILE B 149 -52.93 -24.84 47.68
CA ILE B 149 -54.08 -24.54 46.82
C ILE B 149 -55.15 -25.62 46.84
N LYS B 150 -54.75 -26.88 46.78
CA LYS B 150 -55.70 -27.98 46.79
C LYS B 150 -56.39 -28.16 48.15
N GLY B 151 -55.60 -28.06 49.21
CA GLY B 151 -56.18 -28.22 50.52
C GLY B 151 -55.49 -29.36 51.25
N SER B 152 -54.74 -30.18 50.51
CA SER B 152 -53.99 -31.31 51.09
C SER B 152 -53.20 -30.85 52.33
N GLY B 153 -52.86 -29.56 52.36
CA GLY B 153 -52.15 -28.97 53.46
C GLY B 153 -53.02 -27.89 54.09
N ASP B 154 -52.47 -26.68 54.22
CA ASP B 154 -53.20 -25.56 54.81
C ASP B 154 -53.30 -24.41 53.83
N PRO C 2 -42.95 -17.12 -3.21
CA PRO C 2 -43.39 -15.81 -2.68
C PRO C 2 -44.85 -15.80 -2.24
N LYS C 3 -45.71 -16.46 -3.00
CA LYS C 3 -47.14 -16.53 -2.63
C LYS C 3 -47.50 -17.98 -2.24
N LEU C 4 -47.99 -18.09 -1.00
CA LEU C 4 -48.36 -19.37 -0.34
C LEU C 4 -49.63 -20.06 -0.64
N SER C 5 -49.62 -21.34 -0.27
CA SER C 5 -50.75 -22.25 -0.41
C SER C 5 -51.37 -22.32 0.97
N GLN C 6 -52.58 -22.87 1.08
CA GLN C 6 -53.20 -22.97 2.39
C GLN C 6 -52.28 -23.71 3.37
N ASP C 7 -51.74 -24.85 2.93
CA ASP C 7 -50.83 -25.65 3.74
C ASP C 7 -49.83 -24.75 4.48
N GLU C 8 -49.09 -23.98 3.70
CA GLU C 8 -48.11 -23.09 4.26
C GLU C 8 -48.77 -22.05 5.16
N ILE C 9 -49.79 -21.36 4.67
CA ILE C 9 -50.40 -20.35 5.51
C ILE C 9 -50.87 -20.88 6.85
N ASP C 10 -51.36 -22.12 6.89
CA ASP C 10 -51.86 -22.70 8.13
C ASP C 10 -50.82 -22.94 9.22
N ASP C 11 -49.65 -23.41 8.82
CA ASP C 11 -48.55 -23.68 9.74
C ASP C 11 -48.06 -22.40 10.42
N LEU C 12 -47.92 -21.34 9.62
CA LEU C 12 -47.48 -20.02 10.09
C LEU C 12 -48.44 -19.60 11.19
N LYS C 13 -49.72 -19.86 10.99
CA LYS C 13 -50.70 -19.49 12.00
C LYS C 13 -50.41 -20.14 13.33
N GLU C 14 -50.27 -21.47 13.35
CA GLU C 14 -49.97 -22.17 14.61
C GLU C 14 -48.72 -21.61 15.26
N VAL C 15 -47.67 -21.46 14.48
CA VAL C 15 -46.41 -20.92 14.99
C VAL C 15 -46.61 -19.49 15.51
N PHE C 16 -47.26 -18.65 14.71
CA PHE C 16 -47.51 -17.27 15.11
C PHE C 16 -48.30 -17.29 16.42
N GLU C 17 -49.29 -18.19 16.46
CA GLU C 17 -50.17 -18.40 17.61
C GLU C 17 -49.29 -18.61 18.86
N LEU C 18 -48.63 -19.77 18.90
CA LEU C 18 -47.75 -20.13 20.01
C LEU C 18 -46.80 -19.00 20.46
N PHE C 19 -46.30 -18.20 19.52
CA PHE C 19 -45.41 -17.13 19.91
C PHE C 19 -46.21 -15.98 20.50
N ASP C 20 -47.39 -15.70 19.94
CA ASP C 20 -48.20 -14.62 20.47
C ASP C 20 -48.51 -14.84 21.95
N PHE C 21 -48.67 -16.12 22.29
CA PHE C 21 -48.95 -16.59 23.65
C PHE C 21 -47.79 -16.36 24.58
N TRP C 22 -46.58 -16.63 24.10
CA TRP C 22 -45.38 -16.47 24.91
C TRP C 22 -44.93 -15.05 25.14
N ASP C 23 -45.86 -14.11 25.02
CA ASP C 23 -45.54 -12.72 25.29
C ASP C 23 -46.86 -11.97 25.46
N GLY C 24 -47.84 -12.70 26.00
CA GLY C 24 -49.16 -12.17 26.24
C GLY C 24 -50.10 -12.48 25.10
N ARG C 25 -51.12 -13.28 25.35
CA ARG C 25 -52.08 -13.61 24.30
C ARG C 25 -52.86 -12.35 24.00
N ASP C 26 -52.80 -11.88 22.75
CA ASP C 26 -53.50 -10.66 22.35
C ASP C 26 -53.43 -10.37 20.85
N GLY C 27 -53.21 -11.40 20.06
CA GLY C 27 -53.16 -11.23 18.60
C GLY C 27 -52.00 -10.43 18.04
N ALA C 28 -50.98 -10.18 18.85
CA ALA C 28 -49.80 -9.44 18.42
C ALA C 28 -48.53 -10.19 18.83
N VAL C 29 -47.51 -10.12 18.00
CA VAL C 29 -46.25 -10.77 18.32
C VAL C 29 -45.25 -9.62 18.34
N ASP C 30 -44.21 -9.76 19.16
CA ASP C 30 -43.23 -8.70 19.24
C ASP C 30 -42.33 -8.71 18.00
N ALA C 31 -42.09 -7.54 17.42
CA ALA C 31 -41.25 -7.40 16.23
C ALA C 31 -39.88 -8.07 16.41
N PHE C 32 -39.46 -8.21 17.65
CA PHE C 32 -38.18 -8.82 17.93
C PHE C 32 -38.15 -10.34 17.73
N LYS C 33 -39.31 -10.99 17.76
CA LYS C 33 -39.37 -12.44 17.58
C LYS C 33 -39.73 -12.87 16.16
N ILE C 34 -39.78 -11.90 15.25
CA ILE C 34 -40.12 -12.20 13.85
C ILE C 34 -39.14 -13.23 13.30
N GLY C 35 -37.87 -13.03 13.62
CA GLY C 35 -36.84 -13.93 13.14
C GLY C 35 -37.07 -15.33 13.64
N ASP C 36 -37.20 -15.41 14.95
CA ASP C 36 -37.42 -16.69 15.60
C ASP C 36 -38.71 -17.39 15.15
N VAL C 37 -39.69 -16.64 14.65
CA VAL C 37 -40.94 -17.25 14.21
C VAL C 37 -40.78 -17.95 12.88
N CYS C 38 -40.13 -17.25 11.95
CA CYS C 38 -39.91 -17.78 10.63
C CYS C 38 -38.90 -18.92 10.66
N ARG C 39 -37.99 -18.89 11.64
CA ARG C 39 -37.01 -19.96 11.75
C ARG C 39 -37.74 -21.28 12.04
N CYS C 40 -38.81 -21.20 12.81
CA CYS C 40 -39.58 -22.39 13.16
C CYS C 40 -40.37 -22.95 12.00
N LEU C 41 -40.40 -22.20 10.91
CA LEU C 41 -41.11 -22.62 9.71
C LEU C 41 -40.14 -23.24 8.70
N GLY C 42 -38.85 -23.28 9.05
CA GLY C 42 -37.85 -23.87 8.16
C GLY C 42 -36.98 -22.97 7.31
N ILE C 43 -37.14 -21.66 7.43
CA ILE C 43 -36.31 -20.74 6.66
C ILE C 43 -35.11 -20.40 7.51
N ASN C 44 -34.05 -19.86 6.91
CA ASN C 44 -32.88 -19.49 7.69
C ASN C 44 -32.48 -18.04 7.44
N PRO C 45 -33.33 -17.11 7.85
CA PRO C 45 -33.03 -15.70 7.63
C PRO C 45 -31.79 -15.26 8.40
N ARG C 46 -31.23 -14.13 7.97
CA ARG C 46 -30.07 -13.52 8.62
C ARG C 46 -30.66 -12.29 9.31
N ASN C 47 -29.96 -11.78 10.32
CA ASN C 47 -30.40 -10.60 11.08
C ASN C 47 -30.65 -9.37 10.22
N GLU C 48 -29.87 -9.22 9.14
CA GLU C 48 -30.07 -8.07 8.26
C GLU C 48 -31.37 -8.24 7.46
N ASP C 49 -31.73 -9.48 7.19
CA ASP C 49 -32.95 -9.78 6.44
C ASP C 49 -34.17 -9.43 7.28
N VAL C 50 -34.13 -9.86 8.53
CA VAL C 50 -35.24 -9.61 9.43
C VAL C 50 -35.39 -8.12 9.73
N PHE C 51 -34.27 -7.38 9.72
CA PHE C 51 -34.29 -5.94 9.99
C PHE C 51 -34.80 -5.20 8.76
N ALA C 52 -34.70 -5.83 7.60
CA ALA C 52 -35.10 -5.19 6.35
C ALA C 52 -36.59 -5.33 6.07
N VAL C 53 -37.28 -6.21 6.80
CA VAL C 53 -38.72 -6.39 6.61
C VAL C 53 -39.54 -5.89 7.79
N GLY C 54 -38.88 -5.40 8.84
CA GLY C 54 -39.60 -4.90 9.99
C GLY C 54 -39.01 -5.18 11.36
N GLY C 55 -38.41 -6.35 11.53
CA GLY C 55 -37.82 -6.74 12.81
C GLY C 55 -37.17 -5.59 13.56
N THR C 56 -37.07 -5.74 14.88
CA THR C 56 -36.48 -4.70 15.73
C THR C 56 -35.27 -5.21 16.51
N HIS C 57 -34.59 -4.32 17.23
CA HIS C 57 -33.41 -4.69 18.00
C HIS C 57 -33.68 -5.25 19.40
N LYS C 58 -34.72 -4.75 20.05
CA LYS C 58 -35.03 -5.24 21.39
C LYS C 58 -36.54 -5.32 21.65
N MET C 59 -36.88 -6.17 22.61
CA MET C 59 -38.24 -6.41 23.03
C MET C 59 -38.95 -5.11 23.42
N GLY C 60 -40.28 -5.14 23.39
CA GLY C 60 -41.08 -3.99 23.80
C GLY C 60 -41.14 -2.74 22.95
N GLU C 61 -40.66 -2.80 21.73
CA GLU C 61 -40.68 -1.63 20.86
C GLU C 61 -41.77 -1.61 19.79
N LYS C 62 -42.11 -2.77 19.26
CA LYS C 62 -43.18 -2.84 18.27
C LYS C 62 -43.80 -4.23 18.16
N SER C 63 -45.12 -4.27 18.10
CA SER C 63 -45.86 -5.52 17.99
C SER C 63 -46.57 -5.58 16.64
N LEU C 64 -46.60 -6.77 16.06
CA LEU C 64 -47.21 -6.96 14.77
C LEU C 64 -48.33 -7.98 14.75
N PRO C 65 -49.49 -7.58 14.23
CA PRO C 65 -50.66 -8.44 14.11
C PRO C 65 -50.32 -9.54 13.09
N PHE C 66 -51.13 -10.58 13.02
CA PHE C 66 -50.86 -11.65 12.06
C PHE C 66 -50.95 -11.14 10.62
N GLU C 67 -51.82 -10.13 10.42
CA GLU C 67 -52.06 -9.53 9.11
C GLU C 67 -50.89 -8.70 8.61
N GLU C 68 -49.87 -8.54 9.45
CA GLU C 68 -48.69 -7.81 9.04
C GLU C 68 -47.53 -8.80 8.92
N PHE C 69 -47.83 -10.07 9.21
CA PHE C 69 -46.81 -11.08 9.12
C PHE C 69 -46.65 -11.61 7.71
N LEU C 70 -47.76 -12.04 7.10
CA LEU C 70 -47.69 -12.56 5.74
C LEU C 70 -46.68 -11.76 4.92
N PRO C 71 -46.92 -10.44 4.79
CA PRO C 71 -45.98 -9.62 4.03
C PRO C 71 -44.56 -9.88 4.47
N ALA C 72 -44.32 -9.81 5.78
CA ALA C 72 -43.00 -10.06 6.33
C ALA C 72 -42.48 -11.47 6.00
N TYR C 73 -43.20 -12.50 6.44
CA TYR C 73 -42.79 -13.88 6.17
C TYR C 73 -42.40 -14.10 4.70
N GLU C 74 -43.32 -13.79 3.78
CA GLU C 74 -43.08 -13.96 2.34
C GLU C 74 -41.80 -13.29 1.92
N GLY C 75 -41.66 -12.01 2.24
CA GLY C 75 -40.45 -11.32 1.89
C GLY C 75 -39.25 -12.11 2.35
N LEU C 76 -39.32 -12.64 3.58
CA LEU C 76 -38.21 -13.43 4.13
C LEU C 76 -37.91 -14.77 3.43
N MET C 77 -38.83 -15.25 2.60
CA MET C 77 -38.62 -16.52 1.90
C MET C 77 -37.78 -16.36 0.66
N ASP C 78 -37.53 -15.13 0.26
CA ASP C 78 -36.76 -14.87 -0.95
C ASP C 78 -35.29 -14.55 -0.74
N CYS C 79 -34.78 -14.70 0.47
CA CYS C 79 -33.36 -14.41 0.69
C CYS C 79 -32.48 -15.57 0.32
N GLU C 80 -31.18 -15.40 0.46
CA GLU C 80 -30.25 -16.46 0.11
C GLU C 80 -29.90 -17.42 1.24
N GLN C 81 -30.05 -18.69 0.94
CA GLN C 81 -29.76 -19.75 1.87
C GLN C 81 -28.43 -20.37 1.44
N GLY C 82 -27.47 -20.44 2.35
CA GLY C 82 -26.20 -21.01 1.98
C GLY C 82 -26.39 -22.45 1.58
N THR C 83 -25.44 -23.02 0.84
CA THR C 83 -25.50 -24.42 0.40
C THR C 83 -24.31 -25.16 0.97
N TYR C 84 -24.34 -26.48 0.90
CA TYR C 84 -23.26 -27.26 1.45
C TYR C 84 -21.93 -26.74 0.90
N ALA C 85 -21.85 -26.53 -0.41
CA ALA C 85 -20.63 -26.03 -1.02
C ALA C 85 -20.25 -24.67 -0.47
N ASP C 86 -21.19 -23.74 -0.44
CA ASP C 86 -20.92 -22.39 0.07
C ASP C 86 -20.19 -22.41 1.40
N TYR C 87 -20.66 -23.27 2.31
CA TYR C 87 -20.07 -23.40 3.63
C TYR C 87 -18.70 -24.09 3.60
N MET C 88 -18.61 -25.26 3.00
CA MET C 88 -17.32 -25.99 2.95
C MET C 88 -16.15 -25.14 2.44
N GLU C 89 -16.36 -24.43 1.34
CA GLU C 89 -15.32 -23.59 0.77
C GLU C 89 -14.88 -22.54 1.76
N ALA C 90 -15.83 -21.94 2.48
CA ALA C 90 -15.50 -20.91 3.47
C ALA C 90 -14.61 -21.48 4.55
N PHE C 91 -15.00 -22.61 5.13
CA PHE C 91 -14.20 -23.22 6.16
C PHE C 91 -12.88 -23.63 5.57
N LYS C 92 -12.90 -24.04 4.31
CA LYS C 92 -11.65 -24.45 3.66
C LYS C 92 -10.61 -23.31 3.70
N THR C 93 -11.03 -22.05 3.60
CA THR C 93 -10.09 -20.94 3.61
C THR C 93 -9.33 -20.85 4.92
N PHE C 94 -9.91 -21.33 6.02
CA PHE C 94 -9.24 -21.27 7.32
C PHE C 94 -8.41 -22.53 7.55
N ASP C 95 -8.50 -23.48 6.62
CA ASP C 95 -7.76 -24.74 6.75
C ASP C 95 -6.47 -24.80 5.91
N ARG C 96 -5.34 -24.57 6.60
CA ARG C 96 -4.00 -24.56 6.00
C ARG C 96 -3.67 -25.79 5.14
N GLU C 97 -3.35 -26.88 5.86
CA GLU C 97 -3.00 -28.16 5.28
C GLU C 97 -3.94 -28.64 4.17
N GLY C 98 -5.25 -28.54 4.43
CA GLY C 98 -6.21 -28.97 3.44
C GLY C 98 -6.77 -30.35 3.72
N GLN C 99 -6.51 -30.87 4.91
CA GLN C 99 -7.02 -32.19 5.27
C GLN C 99 -8.27 -32.09 6.14
N GLY C 100 -9.07 -31.06 5.87
CA GLY C 100 -10.32 -30.85 6.57
C GLY C 100 -10.27 -30.71 8.08
N PHE C 101 -9.43 -29.80 8.55
CA PHE C 101 -9.30 -29.58 9.99
C PHE C 101 -9.31 -28.11 10.35
N ILE C 102 -9.47 -27.83 11.63
CA ILE C 102 -9.49 -26.47 12.10
C ILE C 102 -9.53 -26.42 13.62
N SER C 103 -8.67 -25.60 14.18
CA SER C 103 -8.59 -25.46 15.63
C SER C 103 -9.91 -25.07 16.27
N GLY C 104 -10.22 -25.72 17.39
CA GLY C 104 -11.45 -25.43 18.13
C GLY C 104 -11.59 -23.95 18.40
N ALA C 105 -10.47 -23.30 18.73
CA ALA C 105 -10.46 -21.86 19.01
C ALA C 105 -10.83 -21.07 17.76
N GLU C 106 -10.32 -21.54 16.62
CA GLU C 106 -10.59 -20.90 15.35
C GLU C 106 -12.09 -21.02 15.14
N LEU C 107 -12.62 -22.23 15.22
CA LEU C 107 -14.05 -22.45 15.04
C LEU C 107 -14.78 -21.44 15.88
N ARG C 108 -14.52 -21.45 17.17
CA ARG C 108 -15.19 -20.49 18.04
C ARG C 108 -14.92 -19.07 17.56
N HIS C 109 -13.71 -18.81 17.05
CA HIS C 109 -13.43 -17.47 16.57
C HIS C 109 -14.38 -17.10 15.44
N VAL C 110 -14.39 -17.92 14.40
CA VAL C 110 -15.22 -17.74 13.20
C VAL C 110 -16.70 -17.49 13.49
N LEU C 111 -17.22 -18.23 14.46
CA LEU C 111 -18.62 -18.16 14.85
C LEU C 111 -19.09 -16.91 15.60
N SER C 112 -18.22 -16.32 16.41
CA SER C 112 -18.58 -15.13 17.21
C SER C 112 -17.82 -13.86 16.83
N GLY C 113 -16.84 -13.99 15.94
CA GLY C 113 -16.05 -12.84 15.54
C GLY C 113 -16.37 -12.28 14.17
N LEU C 114 -16.59 -13.17 13.20
CA LEU C 114 -16.89 -12.73 11.84
C LEU C 114 -18.39 -12.67 11.58
N GLY C 115 -18.78 -12.04 10.48
CA GLY C 115 -20.19 -11.93 10.16
C GLY C 115 -21.01 -11.43 11.33
N GLU C 116 -22.33 -11.51 11.25
CA GLU C 116 -23.14 -11.06 12.37
C GLU C 116 -23.00 -12.04 13.55
N ARG C 117 -21.92 -11.83 14.29
CA ARG C 117 -21.52 -12.64 15.46
C ARG C 117 -22.59 -13.42 16.20
N LEU C 118 -22.20 -14.59 16.69
CA LEU C 118 -23.06 -15.43 17.50
C LEU C 118 -22.60 -15.16 18.91
N SER C 119 -23.53 -15.20 19.87
CA SER C 119 -23.17 -14.97 21.28
C SER C 119 -22.44 -16.22 21.75
N ASP C 120 -21.57 -16.05 22.74
CA ASP C 120 -20.77 -17.17 23.24
C ASP C 120 -21.62 -18.31 23.82
N GLU C 121 -22.81 -17.97 24.29
CA GLU C 121 -23.73 -18.95 24.83
C GLU C 121 -24.44 -19.67 23.67
N GLU C 122 -24.69 -18.94 22.57
CA GLU C 122 -25.34 -19.51 21.40
C GLU C 122 -24.44 -20.57 20.80
N VAL C 123 -23.14 -20.35 20.95
CA VAL C 123 -22.13 -21.25 20.39
C VAL C 123 -21.95 -22.57 21.17
N ASP C 124 -21.71 -22.45 22.47
CA ASP C 124 -21.47 -23.62 23.31
C ASP C 124 -22.73 -24.46 23.45
N GLU C 125 -23.85 -23.94 22.97
CA GLU C 125 -25.11 -24.67 22.99
C GLU C 125 -25.16 -25.62 21.82
N ILE C 126 -24.77 -25.12 20.65
CA ILE C 126 -24.79 -25.93 19.43
C ILE C 126 -23.73 -27.01 19.43
N ILE C 127 -22.61 -26.74 20.10
CA ILE C 127 -21.52 -27.71 20.17
C ILE C 127 -21.95 -28.90 21.01
N ASN C 128 -22.80 -28.65 22.00
CA ASN C 128 -23.31 -29.73 22.83
C ASN C 128 -24.32 -30.56 22.06
N LEU C 129 -25.36 -29.89 21.55
CA LEU C 129 -26.42 -30.57 20.82
C LEU C 129 -25.91 -31.44 19.70
N THR C 130 -24.97 -30.90 18.93
CA THR C 130 -24.41 -31.62 17.79
C THR C 130 -23.38 -32.65 18.21
N ASP C 131 -22.65 -32.32 19.27
CA ASP C 131 -21.59 -33.18 19.80
C ASP C 131 -20.31 -33.05 18.96
N LEU C 132 -19.73 -31.85 18.94
CA LEU C 132 -18.50 -31.64 18.18
C LEU C 132 -17.34 -32.04 19.08
N GLN C 133 -16.82 -33.22 18.79
CA GLN C 133 -15.75 -33.87 19.51
C GLN C 133 -14.33 -33.46 19.08
N GLU C 134 -13.70 -32.59 19.88
CA GLU C 134 -12.34 -32.10 19.62
C GLU C 134 -11.27 -33.20 19.74
N ASP C 135 -10.55 -33.47 18.66
CA ASP C 135 -9.54 -34.52 18.65
C ASP C 135 -8.36 -34.19 19.58
N LEU C 136 -7.66 -35.24 20.01
CA LEU C 136 -6.51 -35.12 20.91
C LEU C 136 -5.74 -33.82 20.84
N GLU C 137 -5.27 -33.46 19.65
CA GLU C 137 -4.49 -32.24 19.47
C GLU C 137 -5.22 -30.92 19.79
N GLY C 138 -6.55 -30.91 19.62
CA GLY C 138 -7.32 -29.70 19.91
C GLY C 138 -8.09 -29.16 18.71
N ASN C 139 -8.18 -29.98 17.66
CA ASN C 139 -8.88 -29.57 16.44
C ASN C 139 -10.08 -30.45 16.12
N VAL C 140 -10.78 -30.10 15.05
CA VAL C 140 -11.98 -30.82 14.64
C VAL C 140 -12.18 -30.97 13.14
N LYS C 141 -13.16 -31.80 12.78
CA LYS C 141 -13.54 -32.05 11.39
C LYS C 141 -14.73 -31.17 11.04
N TYR C 142 -14.49 -30.06 10.34
CA TYR C 142 -15.60 -29.17 10.02
C TYR C 142 -16.61 -29.79 9.08
N GLU C 143 -16.21 -30.76 8.28
CA GLU C 143 -17.17 -31.39 7.36
C GLU C 143 -18.37 -31.87 8.14
N GLU C 144 -18.15 -32.61 9.22
CA GLU C 144 -19.24 -33.13 10.05
C GLU C 144 -20.12 -32.01 10.61
N PHE C 145 -19.52 -31.14 11.42
CA PHE C 145 -20.23 -30.02 12.01
C PHE C 145 -21.14 -29.32 10.98
N VAL C 146 -20.67 -29.22 9.73
CA VAL C 146 -21.41 -28.57 8.65
C VAL C 146 -22.63 -29.36 8.15
N LYS C 147 -22.56 -30.67 8.27
CA LYS C 147 -23.66 -31.48 7.81
C LYS C 147 -24.68 -31.48 8.92
N LYS C 148 -24.23 -31.86 10.11
CA LYS C 148 -25.12 -31.90 11.26
C LYS C 148 -25.97 -30.63 11.39
N VAL C 149 -25.34 -29.47 11.28
CA VAL C 149 -26.05 -28.19 11.40
C VAL C 149 -27.13 -28.02 10.32
N MET C 150 -26.89 -28.63 9.17
CA MET C 150 -27.80 -28.57 8.03
C MET C 150 -28.75 -29.73 8.00
N THR C 151 -28.45 -30.69 8.85
CA THR C 151 -29.22 -31.91 8.97
C THR C 151 -30.39 -31.69 9.91
N GLY C 152 -30.19 -30.83 10.90
CA GLY C 152 -31.24 -30.54 11.88
C GLY C 152 -31.17 -31.34 13.17
N PRO C 153 -31.87 -30.90 14.25
CA PRO C 153 -31.91 -31.54 15.57
C PRO C 153 -32.46 -32.94 15.50
N TYR C 154 -33.63 -33.09 14.90
CA TYR C 154 -34.25 -34.39 14.71
C TYR C 154 -33.71 -34.74 13.30
N PRO C 155 -32.75 -35.70 13.25
CA PRO C 155 -32.03 -36.23 12.08
C PRO C 155 -32.56 -37.22 11.05
N ASP C 156 -33.88 -37.31 10.84
CA ASP C 156 -34.38 -38.28 9.86
C ASP C 156 -34.11 -39.69 10.38
#